data_6PNH
#
_entry.id   6PNH
#
_cell.length_a   52.180
_cell.length_b   125.170
_cell.length_c   165.040
_cell.angle_alpha   90.00
_cell.angle_beta   90.00
_cell.angle_gamma   90.00
#
_symmetry.space_group_name_H-M   'P 21 21 21'
#
loop_
_entity.id
_entity.type
_entity.pdbx_description
1 polymer 'Nitric oxide synthase, brain'
2 non-polymer 'PROTOPORPHYRIN IX CONTAINING FE'
3 non-polymer 7-{3-(aminomethyl)-4-[(propan-2-yl)oxy]phenyl}-4-methylquinolin-2-amine
4 non-polymer 'ZINC ION'
5 water water
#
_entity_poly.entity_id   1
_entity_poly.type   'polypeptide(L)'
_entity_poly.pdbx_seq_one_letter_code
;CPRFLKVKNWETEVVLTDTLHLKSTLETGCTEYICMGSIMHPSQHARRPEDVATKDQLFPLAKEFIDQYYSSIKRFGSKA
HMERLEEVNKEIDTTSTYQLKDTELIYGAKHAWRNASRCVGRIQWSKLQVFDARDCTTAHGMFNYICNHVKYATNKGNLR
SAITIFPQRTDGKHDFRVWNSQLIRYAGYKQPDGSTLGDPANVQFTEICIQQGWKPPRGRFDVLPLLLQANGNDPELFQI
PPELVLEVPIRHPKFEWFKDLGLKWYGLPAVSNMLLEIGGLEFSACPFSGWYMGTEIGVRDYCDNSRYNILEEVAKKMNL
DMRKTSSLWKDQALVEINIAVLYSFQSDKVTIVDHHSATESFIKHMENEYRCRGGCPADWVWIVPPMSGSITPVFHQEML
NYRLTPSFEYQPDPWNTHVWK
;
_entity_poly.pdbx_strand_id   A,B
#
loop_
_chem_comp.id
_chem_comp.type
_chem_comp.name
_chem_comp.formula
HEM non-polymer 'PROTOPORPHYRIN IX CONTAINING FE' 'C34 H32 Fe N4 O4'
OSD non-polymer 7-{3-(aminomethyl)-4-[(propan-2-yl)oxy]phenyl}-4-methylquinolin-2-amine 'C20 H23 N3 O'
ZN non-polymer 'ZINC ION' 'Zn 2'
#
# COMPACT_ATOMS: atom_id res chain seq x y z
N PRO A 2 -8.10 -13.28 19.99
CA PRO A 2 -7.16 -14.11 20.75
C PRO A 2 -5.85 -13.38 21.06
N ARG A 3 -5.03 -13.97 21.94
CA ARG A 3 -3.91 -13.23 22.52
C ARG A 3 -2.83 -12.93 21.49
N PHE A 4 -2.57 -13.86 20.58
CA PHE A 4 -1.43 -13.77 19.68
C PHE A 4 -1.88 -13.53 18.26
N LEU A 5 -1.20 -12.61 17.57
CA LEU A 5 -1.40 -12.38 16.15
C LEU A 5 -0.06 -12.49 15.44
N LYS A 6 -0.04 -13.19 14.31
CA LYS A 6 1.20 -13.48 13.60
C LYS A 6 1.27 -12.67 12.31
N VAL A 7 2.46 -12.18 12.00
CA VAL A 7 2.75 -11.52 10.73
C VAL A 7 3.92 -12.26 10.10
N LYS A 8 3.92 -12.32 8.77
CA LYS A 8 4.94 -13.03 8.03
C LYS A 8 5.61 -12.07 7.05
N ASN A 9 6.92 -12.23 6.91
CA ASN A 9 7.68 -11.60 5.83
C ASN A 9 7.81 -12.62 4.71
N TRP A 10 7.24 -12.32 3.55
CA TRP A 10 7.21 -13.34 2.50
C TRP A 10 8.50 -13.42 1.71
N GLU A 11 9.44 -12.50 1.90
CA GLU A 11 10.77 -12.64 1.30
C GLU A 11 11.68 -13.53 2.14
N THR A 12 11.68 -13.32 3.45
CA THR A 12 12.61 -13.98 4.35
C THR A 12 11.98 -15.14 5.10
N GLU A 13 10.66 -15.30 5.03
CA GLU A 13 9.85 -16.27 5.77
C GLU A 13 9.80 -15.98 7.27
N VAL A 14 10.38 -14.87 7.74
CA VAL A 14 10.40 -14.59 9.18
C VAL A 14 8.99 -14.32 9.67
N VAL A 15 8.64 -14.96 10.79
CA VAL A 15 7.32 -14.82 11.39
C VAL A 15 7.48 -14.15 12.76
N LEU A 16 6.66 -13.14 13.01
CA LEU A 16 6.68 -12.40 14.27
C LEU A 16 5.31 -12.49 14.93
N THR A 17 5.31 -12.50 16.26
CA THR A 17 4.10 -12.68 17.05
C THR A 17 3.82 -11.40 17.80
N ASP A 18 2.64 -10.82 17.57
CA ASP A 18 2.27 -9.55 18.18
C ASP A 18 1.35 -9.80 19.36
N THR A 19 1.73 -9.31 20.54
CA THR A 19 0.83 -9.25 21.68
C THR A 19 0.51 -7.84 22.10
N LEU A 20 1.28 -6.86 21.61
CA LEU A 20 1.09 -5.47 21.98
C LEU A 20 -0.27 -4.92 21.55
N HIS A 21 -0.88 -5.53 20.53
CA HIS A 21 -2.19 -5.06 20.05
C HIS A 21 -3.27 -5.15 21.12
N LEU A 22 -3.06 -5.95 22.17
CA LEU A 22 -4.01 -6.00 23.27
C LEU A 22 -4.13 -4.65 23.99
N LYS A 23 -3.10 -3.81 23.93
CA LYS A 23 -3.15 -2.49 24.57
C LYS A 23 -3.72 -1.42 23.65
N SER A 24 -4.26 -1.82 22.50
CA SER A 24 -4.88 -0.88 21.59
C SER A 24 -6.07 -0.20 22.27
N THR A 25 -6.25 1.08 21.97
CA THR A 25 -7.21 1.88 22.72
C THR A 25 -8.46 2.20 21.91
N LEU A 26 -8.33 2.90 20.79
CA LEU A 26 -9.48 3.41 20.08
C LEU A 26 -9.59 2.78 18.70
N GLU A 27 -10.80 2.87 18.14
CA GLU A 27 -11.17 2.13 16.94
C GLU A 27 -10.29 2.52 15.76
N THR A 28 -10.23 1.60 14.78
CA THR A 28 -9.53 1.85 13.52
C THR A 28 -10.45 2.40 12.44
N GLY A 29 -11.75 2.15 12.52
CA GLY A 29 -12.65 2.34 11.42
C GLY A 29 -12.97 1.07 10.64
N CYS A 30 -12.10 0.07 10.73
CA CYS A 30 -12.35 -1.23 10.12
C CYS A 30 -13.34 -2.04 10.96
N THR A 31 -14.09 -2.91 10.30
CA THR A 31 -14.91 -3.91 10.96
C THR A 31 -14.53 -5.29 10.47
N GLU A 32 -15.18 -6.32 11.02
CA GLU A 32 -14.96 -7.66 10.51
C GLU A 32 -15.44 -7.81 9.07
N TYR A 33 -16.24 -6.86 8.57
CA TYR A 33 -16.79 -6.94 7.22
C TYR A 33 -16.28 -5.85 6.28
N ILE A 34 -15.51 -4.88 6.78
CA ILE A 34 -14.95 -3.84 5.94
C ILE A 34 -13.56 -3.49 6.45
N CYS A 35 -12.69 -3.10 5.52
CA CYS A 35 -11.38 -2.56 5.84
C CYS A 35 -11.27 -1.15 5.29
N MET A 36 -10.82 -0.21 6.13
CA MET A 36 -10.67 1.18 5.75
C MET A 36 -9.20 1.60 5.75
N GLY A 37 -8.32 0.64 5.51
CA GLY A 37 -6.89 0.87 5.61
C GLY A 37 -6.35 1.97 4.71
N SER A 38 -7.03 2.30 3.61
CA SER A 38 -6.56 3.35 2.72
C SER A 38 -7.37 4.63 2.84
N ILE A 39 -8.29 4.70 3.81
CA ILE A 39 -9.03 5.94 4.07
C ILE A 39 -8.10 6.89 4.82
N MET A 40 -8.06 8.14 4.37
CA MET A 40 -7.09 9.10 4.88
C MET A 40 -7.27 9.35 6.38
N HIS A 41 -8.49 9.68 6.79
CA HIS A 41 -8.87 9.68 8.21
C HIS A 41 -10.28 9.14 8.36
N PRO A 42 -10.46 7.91 8.84
CA PRO A 42 -11.77 7.29 9.04
C PRO A 42 -12.47 7.69 10.33
N ASP A 51 -15.24 22.23 23.51
CA ASP A 51 -15.69 20.89 23.89
C ASP A 51 -14.51 19.97 24.25
N VAL A 52 -14.45 19.52 25.50
CA VAL A 52 -13.25 18.92 26.07
C VAL A 52 -13.65 17.74 26.94
N ALA A 53 -12.64 17.05 27.48
CA ALA A 53 -12.86 15.89 28.32
C ALA A 53 -13.46 16.28 29.67
N THR A 54 -14.42 15.49 30.13
CA THR A 54 -15.02 15.68 31.45
C THR A 54 -14.12 15.10 32.53
N LYS A 55 -14.56 15.19 33.78
CA LYS A 55 -13.82 14.58 34.88
C LYS A 55 -13.82 13.06 34.75
N ASP A 56 -15.00 12.46 34.65
CA ASP A 56 -15.11 11.01 34.60
C ASP A 56 -14.50 10.42 33.34
N GLN A 57 -14.41 11.20 32.26
CA GLN A 57 -13.67 10.73 31.10
C GLN A 57 -12.17 10.73 31.36
N LEU A 58 -11.69 11.68 32.16
CA LEU A 58 -10.26 11.92 32.29
C LEU A 58 -9.60 10.98 33.30
N PHE A 59 -10.33 10.57 34.35
CA PHE A 59 -9.76 9.68 35.37
C PHE A 59 -9.16 8.41 34.78
N PRO A 60 -9.87 7.62 33.97
CA PRO A 60 -9.25 6.37 33.48
C PRO A 60 -8.13 6.60 32.46
N LEU A 61 -8.20 7.66 31.65
CA LEU A 61 -7.13 7.94 30.70
C LEU A 61 -5.85 8.35 31.41
N ALA A 62 -5.97 9.13 32.48
CA ALA A 62 -4.77 9.50 33.23
C ALA A 62 -4.19 8.28 33.96
N LYS A 63 -5.03 7.46 34.59
CA LYS A 63 -4.54 6.29 35.29
C LYS A 63 -3.82 5.35 34.34
N GLU A 64 -4.36 5.14 33.13
CA GLU A 64 -3.70 4.25 32.18
C GLU A 64 -2.34 4.79 31.77
N PHE A 65 -2.22 6.11 31.58
CA PHE A 65 -0.92 6.66 31.20
C PHE A 65 0.08 6.58 32.36
N ILE A 66 -0.36 6.91 33.57
CA ILE A 66 0.54 6.86 34.71
C ILE A 66 0.98 5.42 34.98
N ASP A 67 0.05 4.46 34.91
CA ASP A 67 0.42 3.05 35.04
C ASP A 67 1.48 2.68 34.02
N GLN A 68 1.25 3.04 32.75
CA GLN A 68 2.20 2.74 31.69
C GLN A 68 3.56 3.37 31.98
N TYR A 69 3.56 4.61 32.47
CA TYR A 69 4.83 5.28 32.75
C TYR A 69 5.58 4.58 33.87
N TYR A 70 4.89 4.23 34.96
CA TYR A 70 5.57 3.60 36.08
C TYR A 70 5.96 2.17 35.75
N SER A 71 5.22 1.50 34.88
CA SER A 71 5.68 0.20 34.38
C SER A 71 6.98 0.36 33.60
N SER A 72 7.09 1.42 32.80
CA SER A 72 8.26 1.58 31.93
C SER A 72 9.54 1.87 32.72
N ILE A 73 9.42 2.53 33.87
CA ILE A 73 10.58 2.77 34.72
C ILE A 73 10.71 1.71 35.80
N LYS A 74 9.96 0.60 35.67
CA LYS A 74 10.08 -0.56 36.57
C LYS A 74 9.80 -0.19 38.02
N ARG A 75 8.81 0.67 38.22
CA ARG A 75 8.36 1.09 39.55
C ARG A 75 6.86 0.84 39.70
N PHE A 76 6.32 -0.11 38.96
CA PHE A 76 4.88 -0.33 38.97
C PHE A 76 4.44 -0.83 40.35
N GLY A 77 3.38 -0.23 40.87
CA GLY A 77 2.90 -0.53 42.20
C GLY A 77 3.72 0.05 43.32
N SER A 78 4.75 0.83 43.02
CA SER A 78 5.59 1.41 44.06
C SER A 78 4.82 2.48 44.83
N LYS A 79 5.45 2.94 45.92
CA LYS A 79 4.88 4.05 46.69
C LYS A 79 4.76 5.31 45.84
N ALA A 80 5.78 5.61 45.05
CA ALA A 80 5.71 6.81 44.20
C ALA A 80 4.62 6.68 43.14
N HIS A 81 4.47 5.47 42.57
CA HIS A 81 3.37 5.23 41.65
C HIS A 81 2.03 5.50 42.31
N MET A 82 1.81 4.93 43.50
CA MET A 82 0.53 5.12 44.18
C MET A 82 0.32 6.57 44.56
N GLU A 83 1.39 7.25 44.98
CA GLU A 83 1.28 8.65 45.37
C GLU A 83 1.02 9.54 44.16
N ARG A 84 1.69 9.26 43.03
CA ARG A 84 1.43 10.01 41.81
C ARG A 84 -0.03 9.86 41.38
N LEU A 85 -0.55 8.63 41.47
CA LEU A 85 -1.93 8.38 41.06
C LEU A 85 -2.91 9.15 41.93
N GLU A 86 -2.66 9.18 43.25
CA GLU A 86 -3.52 9.94 44.15
C GLU A 86 -3.43 11.45 43.87
N GLU A 87 -2.23 11.95 43.63
CA GLU A 87 -2.05 13.36 43.27
C GLU A 87 -2.85 13.70 42.01
N VAL A 88 -2.67 12.93 40.94
CA VAL A 88 -3.38 13.16 39.69
C VAL A 88 -4.89 13.14 39.92
N ASN A 89 -5.37 12.22 40.76
CA ASN A 89 -6.80 12.06 40.97
C ASN A 89 -7.39 13.27 41.69
N LYS A 90 -6.72 13.73 42.75
CA LYS A 90 -7.19 14.92 43.44
C LYS A 90 -7.12 16.15 42.54
N GLU A 91 -6.14 16.20 41.65
CA GLU A 91 -6.01 17.36 40.77
C GLU A 91 -7.14 17.41 39.76
N ILE A 92 -7.47 16.26 39.16
CA ILE A 92 -8.62 16.18 38.27
C ILE A 92 -9.90 16.46 39.04
N ASP A 93 -10.00 15.92 40.26
CA ASP A 93 -11.20 16.11 41.07
C ASP A 93 -11.45 17.58 41.38
N THR A 94 -10.39 18.36 41.57
CA THR A 94 -10.54 19.75 41.95
C THR A 94 -10.41 20.73 40.79
N THR A 95 -9.59 20.43 39.77
CA THR A 95 -9.38 21.36 38.67
C THR A 95 -9.88 20.85 37.32
N SER A 96 -10.47 19.66 37.27
CA SER A 96 -10.97 19.06 36.03
C SER A 96 -9.88 18.78 35.02
N THR A 97 -8.62 19.03 35.38
CA THR A 97 -7.50 18.64 34.53
C THR A 97 -6.32 18.31 35.43
N TYR A 98 -5.16 18.04 34.82
CA TYR A 98 -3.96 17.85 35.61
C TYR A 98 -2.73 18.21 34.77
N GLN A 99 -1.60 18.29 35.46
CA GLN A 99 -0.33 18.68 34.87
C GLN A 99 0.62 17.49 34.91
N LEU A 100 1.27 17.22 33.77
CA LEU A 100 2.27 16.16 33.72
C LEU A 100 3.57 16.65 34.34
N LYS A 101 4.27 15.75 35.01
CA LYS A 101 5.63 16.04 35.43
C LYS A 101 6.53 16.08 34.19
N ASP A 102 7.69 16.72 34.34
CA ASP A 102 8.61 16.82 33.19
C ASP A 102 8.98 15.44 32.65
N THR A 103 9.25 14.48 33.53
CA THR A 103 9.61 13.14 33.07
C THR A 103 8.49 12.51 32.26
N GLU A 104 7.24 12.67 32.72
CA GLU A 104 6.11 12.05 32.02
C GLU A 104 5.87 12.72 30.67
N LEU A 105 6.09 14.04 30.60
CA LEU A 105 5.99 14.74 29.32
C LEU A 105 7.00 14.20 28.32
N ILE A 106 8.26 14.05 28.76
CA ILE A 106 9.30 13.51 27.88
C ILE A 106 8.94 12.09 27.47
N TYR A 107 8.57 11.26 28.45
CA TYR A 107 8.16 9.89 28.15
C TYR A 107 7.02 9.86 27.13
N GLY A 108 6.02 10.72 27.30
CA GLY A 108 4.85 10.66 26.44
C GLY A 108 5.13 11.10 25.01
N ALA A 109 5.94 12.15 24.84
CA ALA A 109 6.29 12.60 23.50
C ALA A 109 7.09 11.55 22.74
N LYS A 110 8.08 10.93 23.39
CA LYS A 110 8.84 9.87 22.72
C LYS A 110 7.90 8.73 22.32
N HIS A 111 6.97 8.39 23.19
CA HIS A 111 6.10 7.25 22.89
C HIS A 111 5.03 7.57 21.86
N ALA A 112 4.61 8.83 21.76
CA ALA A 112 3.73 9.18 20.65
C ALA A 112 4.44 9.01 19.32
N TRP A 113 5.75 9.27 19.26
CA TRP A 113 6.48 8.97 18.04
C TRP A 113 6.64 7.46 17.87
N ARG A 114 6.98 6.76 18.95
CA ARG A 114 7.14 5.31 18.88
C ARG A 114 5.86 4.61 18.43
N ASN A 115 4.70 5.20 18.72
CA ASN A 115 3.40 4.62 18.40
C ASN A 115 2.84 5.08 17.05
N ALA A 116 3.55 5.95 16.32
CA ALA A 116 3.03 6.53 15.07
C ALA A 116 3.11 5.48 13.95
N SER A 117 1.98 4.81 13.70
CA SER A 117 1.97 3.68 12.78
CA SER A 117 1.96 3.68 12.77
C SER A 117 2.45 4.05 11.37
N ARG A 118 2.23 5.29 10.96
CA ARG A 118 2.55 5.67 9.59
C ARG A 118 3.99 6.12 9.38
N CYS A 119 4.83 6.09 10.42
CA CYS A 119 6.18 6.67 10.35
C CYS A 119 7.22 5.57 10.12
N VAL A 120 7.92 5.66 8.99
CA VAL A 120 8.99 4.72 8.67
C VAL A 120 10.28 5.01 9.45
N GLY A 121 10.41 6.21 10.03
CA GLY A 121 11.64 6.60 10.71
C GLY A 121 11.67 6.33 12.20
N ARG A 122 10.86 5.40 12.68
CA ARG A 122 10.74 5.25 14.14
C ARG A 122 11.93 4.57 14.82
N ILE A 123 12.94 4.07 14.11
CA ILE A 123 14.07 3.43 14.80
C ILE A 123 14.77 4.42 15.71
N GLN A 124 14.60 5.71 15.45
CA GLN A 124 15.22 6.82 16.16
C GLN A 124 14.38 7.35 17.32
N TRP A 125 13.30 6.65 17.70
CA TRP A 125 12.28 7.29 18.53
C TRP A 125 12.83 7.72 19.89
N SER A 126 13.80 6.98 20.43
CA SER A 126 14.26 7.27 21.78
C SER A 126 15.21 8.47 21.86
N LYS A 127 15.72 8.97 20.73
CA LYS A 127 16.66 10.09 20.70
C LYS A 127 15.99 11.46 20.54
N LEU A 128 14.68 11.52 20.66
CA LEU A 128 13.95 12.77 20.44
C LEU A 128 14.32 13.82 21.48
N GLN A 129 14.57 15.05 21.05
CA GLN A 129 14.86 16.13 22.00
C GLN A 129 13.56 16.86 22.32
N VAL A 130 13.17 16.88 23.59
CA VAL A 130 11.90 17.46 24.00
C VAL A 130 12.18 18.82 24.63
N PHE A 131 11.56 19.87 24.07
CA PHE A 131 11.63 21.22 24.61
C PHE A 131 10.29 21.53 25.24
N ASP A 132 10.30 21.76 26.55
CA ASP A 132 9.07 22.01 27.31
C ASP A 132 8.77 23.49 27.23
N ALA A 133 7.71 23.85 26.50
CA ALA A 133 7.29 25.24 26.34
C ALA A 133 5.95 25.51 27.02
N ARG A 134 5.66 24.79 28.11
CA ARG A 134 4.37 24.97 28.75
C ARG A 134 4.27 26.26 29.59
N ASP A 135 5.37 27.00 29.78
CA ASP A 135 5.30 28.30 30.45
C ASP A 135 5.02 29.45 29.48
N CYS A 136 4.90 29.14 28.19
CA CYS A 136 4.67 30.14 27.17
C CYS A 136 3.28 30.78 27.34
N THR A 137 3.20 32.09 27.14
CA THR A 137 1.93 32.79 27.26
C THR A 137 1.54 33.63 26.04
N THR A 138 2.45 33.92 25.11
CA THR A 138 2.14 34.83 24.02
C THR A 138 2.73 34.32 22.72
N ALA A 139 2.26 34.92 21.61
CA ALA A 139 2.75 34.51 20.29
C ALA A 139 4.21 34.87 20.09
N HIS A 140 4.66 35.99 20.66
CA HIS A 140 6.09 36.31 20.62
C HIS A 140 6.90 35.22 21.32
N GLY A 141 6.44 34.76 22.49
CA GLY A 141 7.14 33.68 23.17
C GLY A 141 7.12 32.40 22.36
N MET A 142 6.02 32.13 21.65
CA MET A 142 5.97 30.96 20.77
C MET A 142 7.00 31.07 19.66
N PHE A 143 7.14 32.28 19.09
CA PHE A 143 8.16 32.53 18.06
C PHE A 143 9.58 32.26 18.58
N ASN A 144 9.91 32.79 19.78
CA ASN A 144 11.18 32.50 20.44
C ASN A 144 11.43 31.00 20.54
N TYR A 145 10.48 30.27 21.12
CA TYR A 145 10.59 28.82 21.23
C TYR A 145 10.77 28.15 19.87
N ILE A 146 10.04 28.61 18.86
CA ILE A 146 10.12 27.94 17.56
C ILE A 146 11.46 28.24 16.89
N CYS A 147 11.97 29.48 17.04
CA CYS A 147 13.28 29.79 16.48
C CYS A 147 14.37 28.91 17.11
N ASN A 148 14.33 28.75 18.43
CA ASN A 148 15.34 27.92 19.10
C ASN A 148 15.25 26.47 18.65
N HIS A 149 14.03 25.97 18.49
CA HIS A 149 13.82 24.63 17.98
C HIS A 149 14.45 24.48 16.60
N VAL A 150 14.11 25.38 15.68
CA VAL A 150 14.67 25.31 14.34
C VAL A 150 16.19 25.36 14.39
N LYS A 151 16.75 26.27 15.20
CA LYS A 151 18.20 26.37 15.26
C LYS A 151 18.82 25.08 15.78
N TYR A 152 18.24 24.52 16.86
CA TYR A 152 18.78 23.29 17.45
C TYR A 152 18.64 22.10 16.51
N ALA A 153 17.45 21.94 15.92
CA ALA A 153 17.21 20.77 15.08
C ALA A 153 18.06 20.80 13.82
N THR A 154 18.31 22.00 13.28
CA THR A 154 19.07 22.11 12.04
C THR A 154 20.54 21.80 12.28
N ASN A 155 21.14 22.42 13.29
CA ASN A 155 22.48 22.03 13.73
C ASN A 155 23.48 22.10 12.57
N LYS A 156 23.37 23.16 11.76
CA LYS A 156 24.25 23.39 10.61
C LYS A 156 24.26 22.21 9.62
N GLY A 157 23.13 21.51 9.48
CA GLY A 157 23.01 20.40 8.55
C GLY A 157 23.08 19.01 9.16
N ASN A 158 23.62 18.89 10.38
CA ASN A 158 23.63 17.61 11.07
C ASN A 158 22.34 17.52 11.89
N LEU A 159 21.26 17.17 11.20
CA LEU A 159 19.93 17.38 11.77
C LEU A 159 19.70 16.48 12.97
N ARG A 160 19.01 17.03 13.96
CA ARG A 160 18.64 16.36 15.21
C ARG A 160 17.13 16.45 15.37
N SER A 161 16.50 15.33 15.73
CA SER A 161 15.05 15.31 15.90
C SER A 161 14.64 16.06 17.17
N ALA A 162 13.52 16.77 17.11
CA ALA A 162 13.12 17.58 18.24
C ALA A 162 11.61 17.81 18.22
N ILE A 163 11.06 18.11 19.38
CA ILE A 163 9.67 18.55 19.51
C ILE A 163 9.63 19.68 20.54
N THR A 164 8.76 20.65 20.31
CA THR A 164 8.50 21.73 21.26
C THR A 164 7.02 21.66 21.62
N ILE A 165 6.72 21.60 22.91
CA ILE A 165 5.34 21.35 23.38
C ILE A 165 4.85 22.60 24.12
N PHE A 166 3.81 23.25 23.57
CA PHE A 166 3.19 24.43 24.16
C PHE A 166 2.07 24.01 25.10
N PRO A 167 1.48 24.94 25.87
CA PRO A 167 0.49 24.55 26.88
C PRO A 167 -0.67 23.74 26.33
N GLN A 168 -1.13 22.78 27.12
CA GLN A 168 -2.22 21.89 26.75
C GLN A 168 -3.55 22.65 26.71
N ARG A 169 -4.53 22.02 26.06
CA ARG A 169 -5.87 22.59 25.96
C ARG A 169 -6.55 22.61 27.32
N THR A 170 -7.32 23.66 27.56
CA THR A 170 -8.05 23.80 28.80
C THR A 170 -9.55 23.65 28.57
N ASP A 171 -10.23 24.72 28.16
CA ASP A 171 -11.66 24.63 27.89
C ASP A 171 -11.97 24.57 26.40
N GLY A 172 -10.96 24.59 25.53
CA GLY A 172 -11.17 24.61 24.11
C GLY A 172 -11.23 26.00 23.51
N LYS A 173 -11.37 27.04 24.33
CA LYS A 173 -11.42 28.41 23.84
C LYS A 173 -10.11 29.14 24.06
N HIS A 174 -9.06 28.45 24.51
CA HIS A 174 -7.80 29.08 24.83
C HIS A 174 -6.63 28.34 24.19
N ASP A 175 -6.87 27.67 23.06
CA ASP A 175 -5.87 26.79 22.48
C ASP A 175 -4.65 27.58 21.99
N PHE A 176 -3.48 26.97 22.17
CA PHE A 176 -2.28 27.32 21.43
C PHE A 176 -2.27 26.55 20.13
N ARG A 177 -1.98 27.24 19.02
CA ARG A 177 -1.94 26.59 17.72
C ARG A 177 -0.85 27.22 16.87
N VAL A 178 -0.17 26.38 16.10
CA VAL A 178 0.64 26.85 14.98
C VAL A 178 -0.25 26.71 13.75
N TRP A 179 -0.61 27.82 13.11
CA TRP A 179 -1.52 27.71 11.96
C TRP A 179 -0.80 27.11 10.74
N ASN A 180 0.53 27.20 10.70
CA ASN A 180 1.29 26.58 9.61
C ASN A 180 1.16 25.05 9.67
N SER A 181 1.17 24.41 8.50
CA SER A 181 1.20 22.95 8.46
C SER A 181 2.60 22.42 8.74
N GLN A 182 3.64 23.13 8.28
CA GLN A 182 5.01 22.89 8.72
C GLN A 182 5.65 24.22 9.07
N LEU A 183 6.71 24.17 9.89
CA LEU A 183 7.35 25.41 10.31
C LEU A 183 8.02 26.12 9.14
N ILE A 184 8.59 25.34 8.21
CA ILE A 184 9.22 25.88 7.02
C ILE A 184 8.49 25.30 5.82
N ARG A 185 7.84 26.15 5.03
CA ARG A 185 7.23 25.79 3.75
C ARG A 185 7.30 26.97 2.79
N TYR A 186 7.15 26.69 1.51
CA TYR A 186 7.21 27.75 0.51
C TYR A 186 5.81 28.22 0.15
N ALA A 187 5.66 29.53 -0.04
CA ALA A 187 4.41 30.12 -0.44
C ALA A 187 3.98 29.60 -1.81
N GLY A 188 2.68 29.63 -2.05
CA GLY A 188 2.14 29.40 -3.38
C GLY A 188 1.14 30.47 -3.71
N TYR A 189 1.21 30.96 -4.96
CA TYR A 189 0.39 32.07 -5.41
C TYR A 189 -0.36 31.66 -6.67
N LYS A 190 -1.69 31.57 -6.59
CA LYS A 190 -2.50 31.30 -7.76
C LYS A 190 -2.61 32.58 -8.59
N GLN A 191 -2.29 32.48 -9.87
CA GLN A 191 -2.36 33.66 -10.72
C GLN A 191 -3.76 33.83 -11.29
N PRO A 192 -4.09 35.03 -11.76
CA PRO A 192 -5.37 35.21 -12.46
C PRO A 192 -5.55 34.28 -13.66
N ASP A 193 -4.48 33.97 -14.38
CA ASP A 193 -4.60 33.11 -15.54
C ASP A 193 -4.69 31.63 -15.19
N GLY A 194 -4.79 31.30 -13.89
CA GLY A 194 -5.02 29.95 -13.44
C GLY A 194 -3.77 29.18 -13.07
N SER A 195 -2.59 29.63 -13.49
CA SER A 195 -1.35 28.94 -13.18
C SER A 195 -0.96 29.21 -11.72
N THR A 196 0.02 28.46 -11.25
CA THR A 196 0.49 28.56 -9.87
C THR A 196 1.98 28.88 -9.85
N LEU A 197 2.36 29.84 -9.01
CA LEU A 197 3.76 30.18 -8.78
C LEU A 197 4.14 29.76 -7.37
N GLY A 198 5.25 29.04 -7.23
CA GLY A 198 5.59 28.46 -5.94
C GLY A 198 4.97 27.10 -5.73
N ASP A 199 4.81 26.74 -4.45
CA ASP A 199 4.35 25.41 -4.09
C ASP A 199 2.84 25.34 -4.14
N PRO A 200 2.24 24.54 -5.04
CA PRO A 200 0.77 24.51 -5.12
C PRO A 200 0.10 24.00 -3.87
N ALA A 201 0.79 23.20 -3.05
CA ALA A 201 0.19 22.67 -1.82
C ALA A 201 -0.21 23.76 -0.83
N ASN A 202 0.36 24.96 -0.94
CA ASN A 202 0.28 25.94 0.14
C ASN A 202 -0.47 27.21 -0.28
N VAL A 203 -1.36 27.11 -1.28
CA VAL A 203 -2.01 28.31 -1.78
C VAL A 203 -3.00 28.85 -0.75
N GLN A 204 -3.78 27.97 -0.11
CA GLN A 204 -4.76 28.42 0.86
C GLN A 204 -4.10 29.14 2.02
N PHE A 205 -3.10 28.49 2.64
CA PHE A 205 -2.44 29.11 3.77
C PHE A 205 -1.70 30.38 3.38
N THR A 206 -1.16 30.43 2.15
CA THR A 206 -0.54 31.65 1.65
C THR A 206 -1.55 32.78 1.61
N GLU A 207 -2.76 32.50 1.10
CA GLU A 207 -3.80 33.52 1.05
C GLU A 207 -4.16 34.00 2.45
N ILE A 208 -4.21 33.08 3.42
CA ILE A 208 -4.49 33.47 4.80
C ILE A 208 -3.43 34.43 5.32
N CYS A 209 -2.15 34.15 5.04
CA CYS A 209 -1.09 35.02 5.56
C CYS A 209 -1.15 36.42 4.95
N ILE A 210 -1.29 36.50 3.63
CA ILE A 210 -1.47 37.79 2.95
C ILE A 210 -2.62 38.56 3.57
N GLN A 211 -3.72 37.85 3.84
CA GLN A 211 -4.89 38.49 4.43
C GLN A 211 -4.58 39.05 5.81
N GLN A 212 -3.76 38.34 6.59
CA GLN A 212 -3.37 38.79 7.92
C GLN A 212 -2.29 39.86 7.90
N GLY A 213 -1.80 40.23 6.71
CA GLY A 213 -0.90 41.37 6.57
C GLY A 213 0.45 41.05 5.99
N TRP A 214 0.74 39.80 5.63
CA TRP A 214 2.05 39.47 5.07
C TRP A 214 2.24 40.11 3.70
N LYS A 215 3.40 40.73 3.48
CA LYS A 215 3.78 41.30 2.19
C LYS A 215 4.59 40.26 1.42
N PRO A 216 3.98 39.60 0.43
CA PRO A 216 4.62 38.45 -0.20
C PRO A 216 5.67 38.88 -1.22
N PRO A 217 6.87 38.29 -1.17
CA PRO A 217 7.86 38.52 -2.23
C PRO A 217 7.36 38.10 -3.61
N ARG A 218 6.43 37.16 -3.68
CA ARG A 218 5.89 36.63 -4.93
C ARG A 218 6.97 36.02 -5.81
N GLY A 219 7.81 35.17 -5.19
CA GLY A 219 8.76 34.36 -5.88
C GLY A 219 8.39 32.89 -5.86
N ARG A 220 9.30 32.06 -6.39
CA ARG A 220 9.07 30.61 -6.46
C ARG A 220 9.32 29.90 -5.13
N PHE A 221 10.17 30.46 -4.28
CA PHE A 221 10.59 29.79 -3.05
C PHE A 221 10.60 30.79 -1.90
N ASP A 222 9.45 31.41 -1.63
CA ASP A 222 9.31 32.34 -0.52
C ASP A 222 8.95 31.55 0.74
N VAL A 223 9.85 31.54 1.72
CA VAL A 223 9.56 30.93 3.01
C VAL A 223 8.38 31.66 3.64
N LEU A 224 7.36 30.89 4.02
CA LEU A 224 6.17 31.48 4.63
C LEU A 224 6.47 31.97 6.04
N PRO A 225 5.71 32.95 6.51
CA PRO A 225 5.87 33.41 7.89
C PRO A 225 5.16 32.45 8.84
N LEU A 226 5.62 32.45 10.08
CA LEU A 226 4.88 31.76 11.13
C LEU A 226 3.62 32.54 11.45
N LEU A 227 2.53 31.80 11.65
CA LEU A 227 1.24 32.35 12.07
C LEU A 227 0.89 31.63 13.34
N LEU A 228 1.05 32.31 14.48
CA LEU A 228 1.09 31.70 15.80
C LEU A 228 -0.04 32.21 16.67
N GLN A 229 -0.69 31.28 17.37
CA GLN A 229 -1.86 31.56 18.20
C GLN A 229 -1.56 31.09 19.63
N ALA A 230 -1.60 32.00 20.59
CA ALA A 230 -1.34 31.70 21.99
C ALA A 230 -2.59 31.95 22.82
N ASN A 231 -2.99 30.95 23.61
CA ASN A 231 -4.07 31.12 24.60
C ASN A 231 -5.38 31.57 23.95
N GLY A 232 -5.66 31.02 22.78
CA GLY A 232 -6.90 31.32 22.07
C GLY A 232 -7.01 32.69 21.44
N ASN A 233 -5.99 33.54 21.55
CA ASN A 233 -6.04 34.85 20.92
C ASN A 233 -5.86 34.75 19.40
N ASP A 234 -6.18 35.83 18.72
CA ASP A 234 -5.98 35.88 17.27
C ASP A 234 -4.52 35.56 16.94
N PRO A 235 -4.26 34.85 15.84
CA PRO A 235 -2.88 34.51 15.48
C PRO A 235 -2.09 35.73 15.05
N GLU A 236 -0.77 35.67 15.22
CA GLU A 236 0.11 36.77 14.87
C GLU A 236 1.22 36.28 13.93
N LEU A 237 1.58 37.11 12.96
CA LEU A 237 2.61 36.81 11.97
C LEU A 237 4.01 37.18 12.45
N PHE A 238 4.97 36.29 12.17
CA PHE A 238 6.39 36.48 12.43
C PHE A 238 7.19 35.92 11.28
N GLN A 239 8.23 36.63 10.86
CA GLN A 239 9.15 36.13 9.84
C GLN A 239 10.28 35.34 10.49
N ILE A 240 10.46 34.10 10.07
CA ILE A 240 11.63 33.36 10.55
C ILE A 240 12.90 34.02 10.04
N PRO A 241 13.92 34.22 10.88
CA PRO A 241 15.20 34.77 10.39
C PRO A 241 15.76 33.89 9.30
N PRO A 242 16.06 34.43 8.11
CA PRO A 242 16.44 33.55 6.99
C PRO A 242 17.69 32.73 7.26
N GLU A 243 18.62 33.23 8.11
CA GLU A 243 19.80 32.46 8.45
C GLU A 243 19.48 31.19 9.24
N LEU A 244 18.29 31.10 9.80
CA LEU A 244 17.89 29.87 10.47
C LEU A 244 17.35 28.82 9.51
N VAL A 245 17.12 29.16 8.23
CA VAL A 245 16.48 28.28 7.27
C VAL A 245 17.54 27.72 6.34
N LEU A 246 17.99 26.51 6.61
CA LEU A 246 18.99 25.87 5.77
C LEU A 246 18.30 25.29 4.53
N GLU A 247 18.83 25.62 3.36
CA GLU A 247 18.27 25.20 2.08
C GLU A 247 19.35 24.55 1.22
N VAL A 248 18.92 23.67 0.30
CA VAL A 248 19.81 22.94 -0.56
C VAL A 248 19.41 23.17 -2.01
N PRO A 249 20.28 23.74 -2.86
CA PRO A 249 19.97 23.78 -4.29
C PRO A 249 20.08 22.38 -4.89
N ILE A 250 19.16 22.05 -5.78
CA ILE A 250 19.11 20.70 -6.34
C ILE A 250 19.89 20.67 -7.64
N ARG A 251 20.89 19.81 -7.71
CA ARG A 251 21.63 19.56 -8.94
C ARG A 251 21.75 18.06 -9.14
N HIS A 252 22.20 17.66 -10.32
CA HIS A 252 22.25 16.25 -10.67
C HIS A 252 23.68 15.82 -10.93
N PRO A 253 24.10 14.64 -10.43
CA PRO A 253 25.51 14.25 -10.56
C PRO A 253 25.96 14.07 -12.00
N LYS A 254 25.05 13.82 -12.93
CA LYS A 254 25.44 13.64 -14.32
C LYS A 254 24.83 14.68 -15.25
N PHE A 255 23.59 15.10 -15.02
CA PHE A 255 22.91 16.04 -15.91
C PHE A 255 23.27 17.46 -15.51
N GLU A 256 24.29 18.01 -16.18
CA GLU A 256 24.73 19.37 -15.90
C GLU A 256 23.60 20.38 -16.04
N TRP A 257 22.60 20.08 -16.88
CA TRP A 257 21.48 20.98 -17.08
C TRP A 257 20.50 20.98 -15.92
N PHE A 258 20.58 20.01 -15.00
CA PHE A 258 19.54 19.90 -13.99
C PHE A 258 19.53 21.10 -13.06
N LYS A 259 20.70 21.66 -12.77
CA LYS A 259 20.76 22.84 -11.92
C LYS A 259 20.04 24.03 -12.55
N ASP A 260 19.98 24.08 -13.87
CA ASP A 260 19.31 25.19 -14.56
C ASP A 260 17.82 25.24 -14.31
N LEU A 261 17.23 24.18 -13.77
CA LEU A 261 15.84 24.24 -13.35
C LEU A 261 15.64 25.23 -12.20
N GLY A 262 16.70 25.56 -11.47
CA GLY A 262 16.58 26.52 -10.38
C GLY A 262 15.82 25.99 -9.18
N LEU A 263 15.88 24.69 -8.93
CA LEU A 263 15.15 24.11 -7.82
C LEU A 263 16.01 24.09 -6.58
N LYS A 264 15.37 24.31 -5.44
CA LYS A 264 15.97 24.09 -4.14
C LYS A 264 14.89 23.56 -3.21
N TRP A 265 15.31 23.11 -2.03
CA TRP A 265 14.38 22.68 -1.00
C TRP A 265 14.99 22.99 0.36
N TYR A 266 14.14 23.01 1.38
CA TYR A 266 14.62 23.27 2.73
C TYR A 266 15.02 21.95 3.40
N GLY A 267 15.96 22.05 4.34
CA GLY A 267 16.52 20.87 4.95
C GLY A 267 15.67 20.24 6.04
N LEU A 268 14.80 21.01 6.68
CA LEU A 268 14.23 20.60 7.95
C LEU A 268 12.73 20.36 7.85
N PRO A 269 12.27 19.10 7.83
CA PRO A 269 10.83 18.80 7.84
C PRO A 269 10.33 18.92 9.27
N ALA A 270 9.39 19.85 9.50
CA ALA A 270 8.95 20.14 10.87
C ALA A 270 7.44 20.33 10.87
N VAL A 271 6.71 19.25 11.14
CA VAL A 271 5.26 19.25 11.04
C VAL A 271 4.64 19.87 12.29
N SER A 272 3.73 20.82 12.08
CA SER A 272 3.25 21.68 13.17
C SER A 272 1.74 21.77 13.32
N ASN A 273 0.94 21.04 12.54
CA ASN A 273 -0.51 21.09 12.68
C ASN A 273 -1.12 19.84 13.32
N MET A 274 -0.31 18.99 13.94
CA MET A 274 -0.86 17.80 14.58
C MET A 274 -1.03 18.01 16.07
N LEU A 275 -1.92 17.22 16.67
CA LEU A 275 -2.18 17.25 18.10
C LEU A 275 -1.49 16.07 18.80
N LEU A 276 -0.87 16.36 19.95
CA LEU A 276 -0.21 15.34 20.75
C LEU A 276 -1.09 15.01 21.94
N GLU A 277 -1.47 13.75 22.08
CA GLU A 277 -2.34 13.34 23.17
C GLU A 277 -1.56 12.47 24.14
N ILE A 278 -1.50 12.89 25.40
CA ILE A 278 -0.82 12.15 26.46
C ILE A 278 -1.75 12.08 27.66
N GLY A 279 -2.10 10.86 28.08
CA GLY A 279 -2.93 10.66 29.27
C GLY A 279 -4.22 11.46 29.28
N GLY A 280 -4.87 11.60 28.12
CA GLY A 280 -6.10 12.35 28.01
C GLY A 280 -5.92 13.85 27.96
N LEU A 281 -4.69 14.33 28.07
CA LEU A 281 -4.35 15.73 27.90
C LEU A 281 -4.02 15.99 26.44
N GLU A 282 -4.37 17.19 25.96
CA GLU A 282 -4.32 17.49 24.53
C GLU A 282 -3.39 18.68 24.28
N PHE A 283 -2.29 18.44 23.60
CA PHE A 283 -1.33 19.48 23.26
C PHE A 283 -1.54 19.81 21.78
N SER A 284 -2.37 20.82 21.55
CA SER A 284 -2.75 21.25 20.20
C SER A 284 -1.65 22.01 19.47
N ALA A 285 -0.55 22.38 20.16
CA ALA A 285 0.60 22.98 19.49
C ALA A 285 1.84 22.21 19.92
N CYS A 286 2.41 21.45 18.98
CA CYS A 286 3.52 20.57 19.32
C CYS A 286 4.40 20.28 18.11
N PRO A 287 4.97 21.29 17.46
CA PRO A 287 5.76 21.04 16.25
C PRO A 287 6.92 20.10 16.51
N PHE A 288 7.09 19.13 15.61
CA PHE A 288 8.13 18.13 15.75
C PHE A 288 8.85 17.97 14.42
N SER A 289 10.14 17.64 14.48
CA SER A 289 10.99 17.68 13.31
C SER A 289 11.96 16.52 13.31
N GLY A 290 12.32 16.08 12.12
CA GLY A 290 13.38 15.10 11.98
C GLY A 290 14.29 15.42 10.83
N TRP A 291 14.47 14.48 9.91
CA TRP A 291 15.15 14.74 8.67
C TRP A 291 14.38 14.05 7.57
N TYR A 292 14.69 14.37 6.32
CA TYR A 292 13.88 13.89 5.23
C TYR A 292 14.27 12.48 4.80
N MET A 293 13.29 11.76 4.29
CA MET A 293 13.53 10.70 3.32
C MET A 293 13.40 11.32 1.94
N GLY A 294 14.33 10.99 1.05
CA GLY A 294 14.43 11.71 -0.22
C GLY A 294 13.13 11.79 -0.98
N THR A 295 12.36 10.70 -0.97
CA THR A 295 11.13 10.59 -1.76
C THR A 295 10.06 11.56 -1.32
N GLU A 296 10.10 12.02 -0.06
CA GLU A 296 9.11 12.98 0.43
C GLU A 296 9.21 14.33 -0.24
N ILE A 297 10.41 14.71 -0.69
CA ILE A 297 10.62 16.09 -1.11
C ILE A 297 9.82 16.35 -2.39
N GLY A 298 8.77 17.16 -2.26
CA GLY A 298 7.72 17.33 -3.26
C GLY A 298 8.01 18.37 -4.32
N VAL A 299 9.30 18.61 -4.57
CA VAL A 299 9.73 19.47 -5.67
C VAL A 299 9.19 19.01 -7.01
N ARG A 300 8.58 17.81 -7.07
CA ARG A 300 8.02 17.31 -8.32
C ARG A 300 6.88 18.18 -8.83
N ASP A 301 6.04 18.71 -7.93
CA ASP A 301 4.81 19.41 -8.30
C ASP A 301 5.05 20.83 -8.81
N TYR A 302 6.24 21.38 -8.66
CA TYR A 302 6.50 22.74 -9.11
C TYR A 302 6.34 22.85 -10.62
N CYS A 303 6.04 24.07 -11.07
CA CYS A 303 5.92 24.39 -12.49
C CYS A 303 7.21 25.06 -12.95
N ASP A 304 7.84 24.49 -13.98
CA ASP A 304 9.04 25.12 -14.53
C ASP A 304 8.69 26.33 -15.37
N ASN A 305 7.64 26.23 -16.19
CA ASN A 305 7.20 27.33 -17.02
C ASN A 305 5.73 27.65 -16.74
N SER A 306 4.93 27.83 -17.78
CA SER A 306 3.52 28.15 -17.64
C SER A 306 2.60 26.97 -17.91
N ARG A 307 3.15 25.77 -18.09
CA ARG A 307 2.31 24.62 -18.43
C ARG A 307 2.83 23.30 -17.84
N TYR A 308 4.11 23.03 -18.01
CA TYR A 308 4.68 21.75 -17.60
C TYR A 308 5.21 21.81 -16.17
N ASN A 309 5.00 20.73 -15.41
CA ASN A 309 5.60 20.62 -14.10
C ASN A 309 7.02 20.04 -14.23
N ILE A 310 7.66 19.82 -13.09
CA ILE A 310 9.05 19.39 -13.08
C ILE A 310 9.21 18.02 -13.73
N LEU A 311 8.31 17.08 -13.43
CA LEU A 311 8.39 15.75 -14.02
C LEU A 311 8.39 15.83 -15.55
N GLU A 312 7.47 16.63 -16.11
CA GLU A 312 7.46 16.82 -17.57
C GLU A 312 8.70 17.57 -18.05
N GLU A 313 9.08 18.66 -17.36
CA GLU A 313 10.24 19.41 -17.82
C GLU A 313 11.51 18.58 -17.77
N VAL A 314 11.65 17.74 -16.73
CA VAL A 314 12.85 16.90 -16.63
C VAL A 314 12.88 15.87 -17.76
N ALA A 315 11.74 15.24 -18.04
CA ALA A 315 11.67 14.26 -19.11
C ALA A 315 11.91 14.89 -20.47
N LYS A 316 11.43 16.13 -20.66
CA LYS A 316 11.67 16.82 -21.92
C LYS A 316 13.17 17.06 -22.13
N LYS A 317 13.88 17.44 -21.07
CA LYS A 317 15.32 17.67 -21.18
C LYS A 317 16.11 16.37 -21.23
N MET A 318 15.51 15.26 -20.81
CA MET A 318 16.12 13.94 -20.99
C MET A 318 15.89 13.38 -22.39
N ASN A 319 15.10 14.05 -23.21
CA ASN A 319 14.79 13.60 -24.58
C ASN A 319 14.10 12.23 -24.56
N LEU A 320 13.07 12.12 -23.74
CA LEU A 320 12.26 10.92 -23.67
C LEU A 320 11.02 11.08 -24.53
N ASP A 321 10.47 9.94 -24.96
CA ASP A 321 9.22 9.92 -25.71
C ASP A 321 8.07 10.08 -24.71
N MET A 322 7.40 11.23 -24.75
CA MET A 322 6.30 11.53 -23.84
C MET A 322 4.93 11.36 -24.52
N ARG A 323 4.86 10.70 -25.67
CA ARG A 323 3.59 10.45 -26.32
C ARG A 323 2.92 9.15 -25.84
N LYS A 324 3.71 8.17 -25.45
CA LYS A 324 3.23 6.87 -25.00
C LYS A 324 3.55 6.74 -23.50
N THR A 325 2.56 6.33 -22.69
CA THR A 325 2.87 6.09 -21.29
C THR A 325 3.77 4.87 -21.11
N SER A 326 3.64 3.89 -22.01
CA SER A 326 4.39 2.64 -21.92
C SER A 326 5.86 2.82 -22.29
N SER A 327 6.29 4.02 -22.67
CA SER A 327 7.72 4.29 -22.71
C SER A 327 8.30 4.49 -21.32
N LEU A 328 7.44 4.58 -20.30
CA LEU A 328 7.84 4.77 -18.89
C LEU A 328 8.69 6.02 -18.70
N TRP A 329 8.40 7.06 -19.47
CA TRP A 329 9.12 8.31 -19.29
C TRP A 329 8.86 8.96 -17.94
N LYS A 330 7.65 8.80 -17.38
CA LYS A 330 7.43 9.34 -16.05
C LYS A 330 8.29 8.63 -15.01
N ASP A 331 8.35 7.30 -15.08
CA ASP A 331 9.16 6.54 -14.14
C ASP A 331 10.62 6.89 -14.28
N GLN A 332 11.09 7.02 -15.53
CA GLN A 332 12.49 7.33 -15.77
C GLN A 332 12.84 8.70 -15.21
N ALA A 333 11.97 9.69 -15.43
CA ALA A 333 12.25 11.05 -14.95
C ALA A 333 12.17 11.13 -13.42
N LEU A 334 11.25 10.36 -12.83
CA LEU A 334 11.08 10.39 -11.38
C LEU A 334 12.33 9.86 -10.66
N VAL A 335 12.97 8.84 -11.24
CA VAL A 335 14.20 8.30 -10.66
C VAL A 335 15.29 9.37 -10.68
N GLU A 336 15.48 10.01 -11.82
CA GLU A 336 16.54 11.02 -11.94
C GLU A 336 16.30 12.18 -10.98
N ILE A 337 15.04 12.59 -10.79
CA ILE A 337 14.74 13.66 -9.83
C ILE A 337 15.14 13.24 -8.43
N ASN A 338 14.85 11.98 -8.08
CA ASN A 338 15.15 11.50 -6.74
C ASN A 338 16.65 11.27 -6.56
N ILE A 339 17.35 10.90 -7.63
CA ILE A 339 18.81 10.87 -7.60
C ILE A 339 19.36 12.26 -7.30
N ALA A 340 18.87 13.28 -8.01
CA ALA A 340 19.34 14.64 -7.80
C ALA A 340 19.10 15.12 -6.37
N VAL A 341 17.93 14.82 -5.79
CA VAL A 341 17.63 15.27 -4.43
C VAL A 341 18.64 14.71 -3.44
N LEU A 342 18.90 13.41 -3.52
CA LEU A 342 19.83 12.77 -2.59
C LEU A 342 21.26 13.25 -2.82
N TYR A 343 21.67 13.41 -4.07
CA TYR A 343 23.01 13.90 -4.35
C TYR A 343 23.23 15.30 -3.77
N SER A 344 22.23 16.16 -3.88
CA SER A 344 22.41 17.55 -3.47
C SER A 344 22.48 17.67 -1.95
N PHE A 345 21.55 17.02 -1.24
CA PHE A 345 21.63 17.00 0.22
C PHE A 345 22.94 16.37 0.71
N GLN A 346 23.38 15.28 0.06
CA GLN A 346 24.63 14.65 0.49
C GLN A 346 25.83 15.54 0.21
N SER A 347 25.88 16.16 -0.98
CA SER A 347 27.00 17.03 -1.31
C SER A 347 27.11 18.21 -0.36
N ASP A 348 25.99 18.66 0.16
CA ASP A 348 25.95 19.78 1.09
C ASP A 348 26.00 19.34 2.54
N LYS A 349 26.12 18.04 2.79
CA LYS A 349 26.23 17.48 4.14
C LYS A 349 25.01 17.85 4.98
N VAL A 350 23.83 17.78 4.35
CA VAL A 350 22.57 17.94 5.04
C VAL A 350 21.94 16.57 5.16
N THR A 351 21.61 16.20 6.40
CA THR A 351 21.11 14.85 6.69
C THR A 351 19.91 14.51 5.83
N ILE A 352 19.92 13.30 5.29
CA ILE A 352 18.82 12.79 4.49
C ILE A 352 19.02 11.28 4.41
N VAL A 353 17.92 10.56 4.17
CA VAL A 353 17.98 9.11 4.06
C VAL A 353 17.22 8.71 2.79
N ASP A 354 17.82 7.82 2.00
CA ASP A 354 17.12 7.26 0.84
C ASP A 354 16.12 6.19 1.30
N HIS A 355 15.20 5.82 0.39
CA HIS A 355 14.12 4.94 0.80
C HIS A 355 14.58 3.49 1.01
N HIS A 356 15.65 3.06 0.34
CA HIS A 356 16.17 1.73 0.61
C HIS A 356 16.73 1.63 2.02
N SER A 357 17.51 2.65 2.43
CA SER A 357 18.07 2.64 3.77
CA SER A 357 18.07 2.64 3.77
C SER A 357 16.99 2.78 4.84
N ALA A 358 16.04 3.69 4.61
CA ALA A 358 15.01 3.91 5.63
C ALA A 358 14.15 2.67 5.85
N THR A 359 13.80 1.97 4.78
CA THR A 359 12.94 0.79 4.94
C THR A 359 13.69 -0.39 5.51
N GLU A 360 14.97 -0.55 5.17
CA GLU A 360 15.77 -1.59 5.83
C GLU A 360 15.92 -1.31 7.32
N SER A 361 16.07 -0.04 7.69
CA SER A 361 16.13 0.28 9.13
C SER A 361 14.81 -0.03 9.82
N PHE A 362 13.69 0.30 9.16
CA PHE A 362 12.38 0.09 9.80
C PHE A 362 12.11 -1.38 10.06
N ILE A 363 12.51 -2.25 9.14
CA ILE A 363 12.33 -3.69 9.36
C ILE A 363 13.14 -4.15 10.57
N LYS A 364 14.41 -3.74 10.62
CA LYS A 364 15.20 -4.04 11.80
C LYS A 364 14.53 -3.51 13.06
N HIS A 365 14.08 -2.25 13.00
CA HIS A 365 13.36 -1.64 14.11
C HIS A 365 12.11 -2.43 14.48
N MET A 366 11.30 -2.79 13.47
CA MET A 366 10.06 -3.52 13.74
C MET A 366 10.34 -4.87 14.38
N GLU A 367 11.41 -5.53 13.96
CA GLU A 367 11.74 -6.82 14.56
C GLU A 367 12.17 -6.64 16.01
N ASN A 368 13.02 -5.65 16.26
CA ASN A 368 13.42 -5.37 17.63
C ASN A 368 12.21 -5.07 18.52
N GLU A 369 11.24 -4.31 18.00
CA GLU A 369 10.06 -3.96 18.79
C GLU A 369 9.16 -5.17 19.07
N TYR A 370 9.02 -6.06 18.11
CA TYR A 370 8.25 -7.27 18.36
C TYR A 370 8.85 -8.11 19.48
N ARG A 371 10.19 -8.19 19.52
CA ARG A 371 10.88 -8.97 20.55
C ARG A 371 10.91 -8.24 21.89
N CYS A 372 11.23 -6.95 21.92
CA CYS A 372 11.39 -6.25 23.18
C CYS A 372 10.09 -5.66 23.72
N ARG A 373 9.13 -5.33 22.86
CA ARG A 373 7.89 -4.69 23.29
C ARG A 373 6.65 -5.54 23.04
N GLY A 374 6.76 -6.60 22.23
CA GLY A 374 5.62 -7.43 21.92
C GLY A 374 4.83 -6.99 20.71
N GLY A 375 5.36 -6.07 19.92
CA GLY A 375 4.70 -5.70 18.67
C GLY A 375 5.08 -4.31 18.25
N CYS A 376 4.62 -3.94 17.05
CA CYS A 376 4.90 -2.63 16.47
C CYS A 376 3.78 -2.24 15.52
N PRO A 377 2.87 -1.35 15.91
CA PRO A 377 1.80 -0.94 15.00
C PRO A 377 2.40 -0.26 13.78
N ALA A 378 1.98 -0.70 12.59
CA ALA A 378 2.59 -0.23 11.35
C ALA A 378 1.56 -0.20 10.23
N ASP A 379 1.50 0.94 9.53
CA ASP A 379 0.51 1.20 8.48
C ASP A 379 1.20 1.00 7.13
N TRP A 380 1.02 -0.19 6.56
CA TRP A 380 1.69 -0.54 5.32
C TRP A 380 1.43 0.48 4.22
N VAL A 381 0.17 0.91 4.09
CA VAL A 381 -0.20 1.89 3.06
C VAL A 381 0.66 3.16 3.13
N TRP A 382 1.14 3.53 4.32
CA TRP A 382 1.96 4.74 4.45
C TRP A 382 3.45 4.44 4.58
N ILE A 383 3.80 3.22 5.02
CA ILE A 383 5.19 2.83 5.23
C ILE A 383 5.91 2.53 3.91
N VAL A 384 5.21 1.91 2.96
CA VAL A 384 5.87 1.59 1.69
C VAL A 384 6.15 2.88 0.92
N PRO A 385 7.36 3.10 0.44
CA PRO A 385 7.73 4.38 -0.20
C PRO A 385 6.92 4.63 -1.47
N PRO A 386 6.80 5.90 -1.88
CA PRO A 386 5.96 6.23 -3.04
C PRO A 386 6.56 5.84 -4.38
N MET A 387 7.72 5.20 -4.40
CA MET A 387 8.28 4.70 -5.63
C MET A 387 9.05 3.41 -5.32
N SER A 388 9.16 2.55 -6.33
CA SER A 388 9.98 1.34 -6.24
C SER A 388 9.55 0.46 -5.07
N GLY A 389 8.25 0.44 -4.78
CA GLY A 389 7.77 -0.20 -3.57
C GLY A 389 8.29 -1.61 -3.38
N SER A 390 8.17 -2.45 -4.42
CA SER A 390 8.45 -3.87 -4.22
C SER A 390 9.93 -4.18 -4.08
N ILE A 391 10.84 -3.27 -4.43
CA ILE A 391 12.25 -3.60 -4.25
C ILE A 391 12.73 -3.10 -2.90
N THR A 392 11.79 -2.64 -2.06
CA THR A 392 12.17 -2.33 -0.69
C THR A 392 11.67 -3.40 0.25
N PRO A 393 12.37 -3.62 1.38
CA PRO A 393 12.03 -4.78 2.23
C PRO A 393 10.66 -4.68 2.90
N VAL A 394 10.06 -3.48 2.99
CA VAL A 394 8.77 -3.37 3.67
C VAL A 394 7.60 -3.91 2.83
N PHE A 395 7.76 -3.99 1.51
CA PHE A 395 6.66 -4.39 0.64
C PHE A 395 6.16 -5.80 0.98
N HIS A 396 7.08 -6.74 1.16
CA HIS A 396 6.71 -8.11 1.45
C HIS A 396 6.51 -8.37 2.94
N GLN A 397 6.53 -7.33 3.76
CA GLN A 397 6.39 -7.47 5.19
C GLN A 397 4.92 -7.28 5.57
N GLU A 398 4.31 -8.30 6.14
CA GLU A 398 2.99 -8.13 6.74
C GLU A 398 3.10 -7.26 7.98
N MET A 399 2.07 -6.44 8.18
CA MET A 399 2.04 -5.50 9.29
C MET A 399 0.67 -5.56 9.94
N LEU A 400 0.63 -5.20 11.22
CA LEU A 400 -0.60 -5.00 11.96
C LEU A 400 -0.69 -3.53 12.31
N ASN A 401 -1.87 -2.95 12.12
CA ASN A 401 -2.08 -1.55 12.46
C ASN A 401 -3.09 -1.43 13.59
N TYR A 402 -2.73 -0.66 14.61
CA TYR A 402 -3.63 -0.38 15.73
C TYR A 402 -3.15 0.89 16.39
N ARG A 403 -4.02 1.47 17.20
CA ARG A 403 -3.81 2.81 17.75
C ARG A 403 -3.45 2.70 19.22
N LEU A 404 -2.20 2.98 19.54
CA LEU A 404 -1.74 3.05 20.92
C LEU A 404 -1.65 4.51 21.34
N THR A 405 -1.78 4.73 22.65
CA THR A 405 -1.59 6.07 23.20
C THR A 405 -0.41 6.03 24.15
N PRO A 406 0.36 7.13 24.29
CA PRO A 406 0.28 8.46 23.67
C PRO A 406 0.37 8.44 22.14
N SER A 407 -0.22 9.44 21.49
CA SER A 407 -0.32 9.42 20.05
C SER A 407 -0.35 10.84 19.48
N PHE A 408 0.06 10.94 18.22
CA PHE A 408 -0.13 12.15 17.42
C PHE A 408 -1.41 11.97 16.60
N GLU A 409 -2.25 13.00 16.60
CA GLU A 409 -3.55 12.92 15.97
C GLU A 409 -3.75 14.11 15.03
N TYR A 410 -4.63 13.90 14.06
CA TYR A 410 -5.08 15.01 13.24
C TYR A 410 -6.01 15.91 14.05
N GLN A 411 -6.04 17.19 13.68
CA GLN A 411 -7.00 18.12 14.24
C GLN A 411 -7.46 19.02 13.11
N PRO A 412 -8.67 19.57 13.21
CA PRO A 412 -9.13 20.47 12.15
C PRO A 412 -8.28 21.73 12.09
N ASP A 413 -8.27 22.33 10.92
CA ASP A 413 -7.52 23.57 10.72
C ASP A 413 -8.06 24.65 11.65
N PRO A 414 -7.19 25.50 12.21
CA PRO A 414 -7.67 26.46 13.20
C PRO A 414 -8.51 27.59 12.62
N TRP A 415 -8.34 27.92 11.34
CA TRP A 415 -9.19 28.94 10.73
C TRP A 415 -10.63 28.48 10.56
N ASN A 416 -10.91 27.18 10.69
CA ASN A 416 -12.29 26.73 10.56
C ASN A 416 -13.05 26.87 11.86
N THR A 417 -12.34 26.90 13.00
CA THR A 417 -12.94 26.90 14.32
C THR A 417 -12.69 28.16 15.13
N HIS A 418 -11.66 28.94 14.78
CA HIS A 418 -11.26 30.06 15.63
C HIS A 418 -12.33 31.13 15.66
N VAL A 419 -12.70 31.58 16.86
CA VAL A 419 -13.66 32.67 17.02
C VAL A 419 -12.84 33.95 17.09
N TRP A 420 -12.83 34.69 15.99
CA TRP A 420 -12.03 35.92 15.91
C TRP A 420 -12.44 36.93 16.97
N LYS A 421 -11.44 37.55 17.58
CA LYS A 421 -11.69 38.52 18.64
C LYS A 421 -12.02 39.88 18.04
N ARG B 3 -24.45 2.32 7.23
CA ARG B 3 -24.45 3.65 6.61
C ARG B 3 -23.68 3.67 5.30
N PHE B 4 -23.95 4.68 4.48
CA PHE B 4 -23.14 4.91 3.29
C PHE B 4 -21.77 5.40 3.72
N LEU B 5 -20.73 5.01 2.98
CA LEU B 5 -19.37 5.45 3.26
C LEU B 5 -18.82 6.16 2.03
N LYS B 6 -18.11 7.27 2.24
CA LYS B 6 -17.52 8.01 1.15
C LYS B 6 -16.07 7.58 0.93
N VAL B 7 -15.64 7.60 -0.32
CA VAL B 7 -14.24 7.46 -0.69
C VAL B 7 -13.85 8.68 -1.50
N LYS B 8 -12.68 9.23 -1.20
CA LYS B 8 -12.23 10.46 -1.84
C LYS B 8 -10.97 10.18 -2.64
N ASN B 9 -10.91 10.74 -3.85
CA ASN B 9 -9.66 10.85 -4.57
C ASN B 9 -9.01 12.17 -4.17
N TRP B 10 -7.82 12.09 -3.58
CA TRP B 10 -7.15 13.28 -3.08
C TRP B 10 -6.42 14.07 -4.16
N GLU B 11 -6.39 13.58 -5.40
CA GLU B 11 -5.91 14.41 -6.51
C GLU B 11 -7.04 15.14 -7.22
N THR B 12 -8.12 14.42 -7.59
CA THR B 12 -9.24 15.02 -8.31
C THR B 12 -10.31 15.59 -7.39
N GLU B 13 -10.24 15.29 -6.09
CA GLU B 13 -11.27 15.63 -5.11
C GLU B 13 -12.62 14.98 -5.38
N VAL B 14 -12.69 14.03 -6.32
CA VAL B 14 -13.93 13.30 -6.57
C VAL B 14 -14.27 12.44 -5.36
N VAL B 15 -15.51 12.52 -4.92
CA VAL B 15 -16.02 11.77 -3.78
C VAL B 15 -17.08 10.79 -4.30
N LEU B 16 -16.90 9.51 -4.01
CA LEU B 16 -17.84 8.45 -4.39
C LEU B 16 -18.51 7.92 -3.14
N THR B 17 -19.81 7.60 -3.24
CA THR B 17 -20.58 7.12 -2.11
C THR B 17 -20.81 5.61 -2.26
N ASP B 18 -20.45 4.87 -1.22
CA ASP B 18 -20.47 3.41 -1.27
C ASP B 18 -21.65 2.87 -0.50
N THR B 19 -22.55 2.16 -1.20
CA THR B 19 -23.63 1.42 -0.58
C THR B 19 -23.49 -0.08 -0.72
N LEU B 20 -22.63 -0.54 -1.64
CA LEU B 20 -22.53 -1.97 -1.94
C LEU B 20 -21.97 -2.77 -0.76
N HIS B 21 -21.06 -2.17 0.02
CA HIS B 21 -20.49 -2.85 1.18
C HIS B 21 -21.56 -3.36 2.16
N LEU B 22 -22.74 -2.74 2.17
CA LEU B 22 -23.81 -3.21 3.04
C LEU B 22 -24.33 -4.59 2.64
N LYS B 23 -24.02 -5.05 1.42
CA LYS B 23 -24.45 -6.37 0.97
C LYS B 23 -23.44 -7.47 1.31
N SER B 24 -22.23 -7.13 1.72
CA SER B 24 -21.22 -8.16 1.91
C SER B 24 -21.52 -8.96 3.17
N THR B 25 -21.29 -10.28 3.10
CA THR B 25 -21.53 -11.14 4.25
C THR B 25 -20.29 -11.89 4.73
N LEU B 26 -19.24 -11.97 3.92
CA LEU B 26 -18.00 -12.61 4.33
C LEU B 26 -17.07 -11.61 5.03
N GLU B 27 -16.21 -12.14 5.90
CA GLU B 27 -15.35 -11.31 6.73
C GLU B 27 -14.09 -10.88 5.97
N THR B 28 -13.49 -9.79 6.44
CA THR B 28 -12.27 -9.26 5.84
C THR B 28 -11.01 -9.59 6.64
N GLY B 29 -11.16 -9.90 7.93
CA GLY B 29 -10.04 -10.16 8.81
C GLY B 29 -9.79 -9.05 9.81
N CYS B 30 -10.11 -7.81 9.45
CA CYS B 30 -9.93 -6.70 10.36
C CYS B 30 -10.94 -6.80 11.51
N THR B 31 -10.65 -6.05 12.57
CA THR B 31 -11.58 -5.84 13.68
C THR B 31 -11.66 -4.35 13.96
N GLU B 32 -12.52 -3.98 14.91
CA GLU B 32 -12.64 -2.58 15.30
C GLU B 32 -11.30 -2.02 15.79
N TYR B 33 -10.46 -2.86 16.37
CA TYR B 33 -9.24 -2.40 17.03
C TYR B 33 -7.97 -2.72 16.27
N ILE B 34 -8.00 -3.64 15.30
CA ILE B 34 -6.80 -3.96 14.52
C ILE B 34 -7.17 -4.08 13.05
N CYS B 35 -6.43 -3.40 12.20
CA CYS B 35 -6.54 -3.52 10.75
C CYS B 35 -5.49 -4.49 10.23
N MET B 36 -5.91 -5.42 9.39
CA MET B 36 -5.00 -6.42 8.87
C MET B 36 -4.93 -6.39 7.35
N GLY B 37 -5.08 -5.20 6.76
CA GLY B 37 -5.10 -5.00 5.32
C GLY B 37 -3.82 -5.40 4.60
N SER B 38 -2.71 -5.59 5.31
CA SER B 38 -1.49 -6.06 4.67
C SER B 38 -1.26 -7.56 4.86
N ILE B 39 -2.14 -8.25 5.59
CA ILE B 39 -2.03 -9.70 5.78
C ILE B 39 -2.51 -10.37 4.50
N MET B 40 -1.75 -11.37 4.03
CA MET B 40 -2.10 -11.96 2.74
C MET B 40 -3.36 -12.84 2.84
N HIS B 41 -3.42 -13.74 3.82
CA HIS B 41 -4.52 -14.67 3.99
C HIS B 41 -5.08 -14.57 5.41
N PRO B 42 -5.90 -13.56 5.70
CA PRO B 42 -6.47 -13.44 7.05
C PRO B 42 -7.56 -14.48 7.31
N ALA B 53 -18.76 -28.05 3.47
CA ALA B 53 -20.14 -27.56 3.44
C ALA B 53 -21.13 -28.69 3.69
N THR B 54 -22.11 -28.43 4.55
CA THR B 54 -23.16 -29.37 4.89
C THR B 54 -24.47 -28.98 4.22
N LYS B 55 -25.38 -29.96 4.11
CA LYS B 55 -26.69 -29.71 3.51
C LYS B 55 -27.41 -28.56 4.19
N ASP B 56 -27.33 -28.49 5.52
CA ASP B 56 -28.11 -27.51 6.27
C ASP B 56 -27.72 -26.08 5.91
N GLN B 57 -26.43 -25.85 5.64
CA GLN B 57 -25.92 -24.51 5.37
C GLN B 57 -25.97 -24.14 3.89
N LEU B 58 -26.25 -25.09 3.01
CA LEU B 58 -26.05 -24.85 1.58
C LEU B 58 -27.17 -24.01 0.98
N PHE B 59 -28.43 -24.33 1.27
CA PHE B 59 -29.53 -23.64 0.62
C PHE B 59 -29.55 -22.14 0.87
N PRO B 60 -29.39 -21.63 2.10
CA PRO B 60 -29.32 -20.16 2.26
C PRO B 60 -28.30 -19.53 1.32
N LEU B 61 -27.09 -20.09 1.25
CA LEU B 61 -26.08 -19.57 0.33
C LEU B 61 -26.57 -19.62 -1.11
N ALA B 62 -27.17 -20.75 -1.50
CA ALA B 62 -27.67 -20.89 -2.86
C ALA B 62 -28.80 -19.91 -3.15
N LYS B 63 -29.78 -19.82 -2.24
CA LYS B 63 -30.86 -18.86 -2.41
C LYS B 63 -30.31 -17.45 -2.54
N GLU B 64 -29.30 -17.12 -1.73
CA GLU B 64 -28.67 -15.80 -1.84
C GLU B 64 -28.15 -15.55 -3.24
N PHE B 65 -27.48 -16.55 -3.81
CA PHE B 65 -26.92 -16.40 -5.15
C PHE B 65 -28.03 -16.42 -6.21
N ILE B 66 -28.97 -17.35 -6.09
CA ILE B 66 -30.10 -17.38 -7.03
C ILE B 66 -30.84 -16.06 -6.98
N ASP B 67 -31.03 -15.50 -5.78
CA ASP B 67 -31.70 -14.20 -5.65
C ASP B 67 -30.96 -13.14 -6.45
N GLN B 68 -29.64 -13.04 -6.26
CA GLN B 68 -28.92 -11.98 -6.96
C GLN B 68 -28.81 -12.24 -8.45
N TYR B 69 -28.84 -13.52 -8.86
CA TYR B 69 -28.86 -13.81 -10.29
C TYR B 69 -30.14 -13.28 -10.94
N TYR B 70 -31.31 -13.64 -10.39
CA TYR B 70 -32.56 -13.15 -10.93
C TYR B 70 -32.75 -11.66 -10.72
N SER B 71 -32.10 -11.08 -9.71
CA SER B 71 -32.09 -9.63 -9.61
C SER B 71 -31.30 -9.01 -10.75
N SER B 72 -30.25 -9.71 -11.22
CA SER B 72 -29.41 -9.15 -12.28
C SER B 72 -30.11 -9.14 -13.63
N ILE B 73 -30.98 -10.11 -13.90
CA ILE B 73 -31.63 -10.17 -15.21
C ILE B 73 -32.99 -9.48 -15.12
N LYS B 74 -33.22 -8.75 -14.02
CA LYS B 74 -34.45 -7.99 -13.81
C LYS B 74 -35.69 -8.88 -13.86
N ARG B 75 -35.61 -10.03 -13.20
CA ARG B 75 -36.75 -10.95 -13.07
C ARG B 75 -36.88 -11.45 -11.64
N PHE B 76 -36.66 -10.56 -10.67
CA PHE B 76 -36.80 -10.92 -9.27
C PHE B 76 -38.26 -11.11 -8.91
N GLY B 77 -38.56 -12.18 -8.17
CA GLY B 77 -39.93 -12.55 -7.85
C GLY B 77 -40.68 -13.22 -8.98
N SER B 78 -40.08 -13.36 -10.16
CA SER B 78 -40.77 -13.93 -11.29
C SER B 78 -41.15 -15.39 -11.02
N LYS B 79 -41.94 -15.95 -11.95
CA LYS B 79 -42.24 -17.37 -11.89
C LYS B 79 -40.96 -18.20 -11.95
N ALA B 80 -40.13 -17.95 -12.96
CA ALA B 80 -38.89 -18.71 -13.12
C ALA B 80 -38.00 -18.60 -11.89
N HIS B 81 -37.95 -17.40 -11.27
CA HIS B 81 -37.17 -17.25 -10.05
C HIS B 81 -37.68 -18.18 -8.96
N MET B 82 -39.00 -18.20 -8.73
CA MET B 82 -39.55 -19.02 -7.66
C MET B 82 -39.39 -20.49 -7.95
N GLU B 83 -39.74 -20.92 -9.18
CA GLU B 83 -39.56 -22.32 -9.56
C GLU B 83 -38.11 -22.75 -9.39
N ARG B 84 -37.16 -21.88 -9.73
CA ARG B 84 -35.76 -22.24 -9.58
C ARG B 84 -35.37 -22.39 -8.12
N LEU B 85 -35.83 -21.47 -7.27
CA LEU B 85 -35.62 -21.61 -5.84
C LEU B 85 -36.18 -22.94 -5.32
N GLU B 86 -37.41 -23.26 -5.73
CA GLU B 86 -38.04 -24.54 -5.38
C GLU B 86 -37.20 -25.72 -5.88
N GLU B 87 -36.70 -25.63 -7.11
CA GLU B 87 -35.89 -26.70 -7.67
C GLU B 87 -34.62 -26.89 -6.87
N VAL B 88 -33.88 -25.81 -6.61
CA VAL B 88 -32.61 -25.91 -5.89
C VAL B 88 -32.85 -26.45 -4.48
N ASN B 89 -33.97 -26.07 -3.85
CA ASN B 89 -34.26 -26.55 -2.50
C ASN B 89 -34.47 -28.06 -2.49
N LYS B 90 -35.36 -28.56 -3.34
CA LYS B 90 -35.58 -30.01 -3.39
C LYS B 90 -34.30 -30.75 -3.71
N GLU B 91 -33.52 -30.22 -4.65
CA GLU B 91 -32.31 -30.93 -5.09
C GLU B 91 -31.30 -31.03 -3.97
N ILE B 92 -31.16 -29.99 -3.14
CA ILE B 92 -30.32 -30.12 -1.96
C ILE B 92 -30.89 -31.16 -1.00
N ASP B 93 -32.21 -31.17 -0.84
CA ASP B 93 -32.83 -32.14 0.07
C ASP B 93 -32.50 -33.57 -0.35
N THR B 94 -32.68 -33.89 -1.63
CA THR B 94 -32.52 -35.27 -2.07
C THR B 94 -31.07 -35.66 -2.31
N THR B 95 -30.19 -34.69 -2.61
CA THR B 95 -28.84 -35.02 -3.04
C THR B 95 -27.74 -34.34 -2.22
N SER B 96 -28.09 -33.52 -1.24
CA SER B 96 -27.14 -32.78 -0.39
C SER B 96 -26.29 -31.77 -1.16
N THR B 97 -26.58 -31.54 -2.45
CA THR B 97 -25.89 -30.53 -3.25
C THR B 97 -26.84 -30.10 -4.37
N TYR B 98 -26.33 -29.29 -5.30
CA TYR B 98 -27.11 -28.92 -6.46
C TYR B 98 -26.18 -28.50 -7.60
N GLN B 99 -26.72 -28.52 -8.81
CA GLN B 99 -25.99 -28.16 -10.02
C GLN B 99 -26.46 -26.79 -10.51
N LEU B 100 -25.50 -25.94 -10.87
CA LEU B 100 -25.79 -24.65 -11.50
C LEU B 100 -26.25 -24.82 -12.95
N LYS B 101 -27.19 -23.98 -13.36
CA LYS B 101 -27.49 -23.88 -14.79
C LYS B 101 -26.32 -23.20 -15.51
N ASP B 102 -26.23 -23.43 -16.82
CA ASP B 102 -25.18 -22.79 -17.60
C ASP B 102 -25.21 -21.27 -17.43
N THR B 103 -26.41 -20.68 -17.49
CA THR B 103 -26.54 -19.24 -17.34
C THR B 103 -25.97 -18.78 -16.01
N GLU B 104 -26.21 -19.55 -14.95
CA GLU B 104 -25.77 -19.18 -13.61
C GLU B 104 -24.26 -19.37 -13.46
N LEU B 105 -23.71 -20.42 -14.06
CA LEU B 105 -22.26 -20.60 -14.04
C LEU B 105 -21.54 -19.41 -14.66
N ILE B 106 -21.98 -19.00 -15.86
CA ILE B 106 -21.39 -17.85 -16.53
C ILE B 106 -21.51 -16.60 -15.67
N TYR B 107 -22.73 -16.34 -15.17
CA TYR B 107 -22.92 -15.19 -14.29
C TYR B 107 -22.03 -15.27 -13.06
N GLY B 108 -21.96 -16.44 -12.44
CA GLY B 108 -21.16 -16.60 -11.23
C GLY B 108 -19.69 -16.35 -11.48
N ALA B 109 -19.15 -16.90 -12.57
CA ALA B 109 -17.73 -16.77 -12.84
C ALA B 109 -17.36 -15.32 -13.14
N LYS B 110 -18.20 -14.63 -13.93
CA LYS B 110 -17.95 -13.21 -14.20
C LYS B 110 -18.00 -12.39 -12.92
N HIS B 111 -18.91 -12.72 -12.00
CA HIS B 111 -19.01 -11.88 -10.81
C HIS B 111 -17.95 -12.21 -9.77
N ALA B 112 -17.42 -13.44 -9.78
CA ALA B 112 -16.21 -13.73 -9.00
C ALA B 112 -15.06 -12.83 -9.43
N TRP B 113 -14.91 -12.63 -10.74
CA TRP B 113 -13.90 -11.70 -11.21
C TRP B 113 -14.29 -10.27 -10.87
N ARG B 114 -15.56 -9.91 -11.07
CA ARG B 114 -16.02 -8.56 -10.74
C ARG B 114 -15.76 -8.21 -9.28
N ASN B 115 -15.76 -9.20 -8.39
CA ASN B 115 -15.66 -9.02 -6.95
C ASN B 115 -14.24 -9.17 -6.43
N ALA B 116 -13.24 -9.42 -7.28
CA ALA B 116 -11.89 -9.68 -6.82
C ALA B 116 -11.21 -8.35 -6.48
N SER B 117 -11.28 -7.99 -5.18
CA SER B 117 -10.81 -6.69 -4.73
CA SER B 117 -10.78 -6.72 -4.67
C SER B 117 -9.33 -6.45 -5.04
N ARG B 118 -8.55 -7.49 -5.31
CA ARG B 118 -7.13 -7.29 -5.55
C ARG B 118 -6.76 -7.13 -7.01
N CYS B 119 -7.73 -7.19 -7.92
CA CYS B 119 -7.48 -7.20 -9.35
C CYS B 119 -7.69 -5.83 -9.95
N VAL B 120 -6.62 -5.27 -10.54
CA VAL B 120 -6.69 -3.98 -11.19
C VAL B 120 -7.30 -4.07 -12.58
N GLY B 121 -7.46 -5.28 -13.10
CA GLY B 121 -7.94 -5.47 -14.45
C GLY B 121 -9.43 -5.62 -14.62
N ARG B 122 -10.24 -5.29 -13.61
CA ARG B 122 -11.66 -5.67 -13.61
C ARG B 122 -12.53 -4.81 -14.52
N ILE B 123 -12.01 -3.78 -15.19
CA ILE B 123 -12.84 -3.06 -16.15
C ILE B 123 -13.35 -4.04 -17.22
N GLN B 124 -12.59 -5.09 -17.48
CA GLN B 124 -12.87 -6.13 -18.49
C GLN B 124 -13.77 -7.27 -17.98
N TRP B 125 -14.28 -7.19 -16.75
CA TRP B 125 -14.86 -8.35 -16.08
C TRP B 125 -15.99 -9.02 -16.88
N SER B 126 -16.77 -8.25 -17.62
CA SER B 126 -17.92 -8.85 -18.30
C SER B 126 -17.58 -9.48 -19.64
N LYS B 127 -16.36 -9.25 -20.13
CA LYS B 127 -15.85 -9.95 -21.30
C LYS B 127 -14.96 -11.09 -20.83
N LEU B 128 -15.61 -12.12 -20.30
CA LEU B 128 -14.95 -13.32 -19.83
C LEU B 128 -15.56 -14.50 -20.57
N GLN B 129 -14.71 -15.28 -21.24
CA GLN B 129 -15.17 -16.50 -21.92
C GLN B 129 -15.15 -17.65 -20.91
N VAL B 130 -16.32 -18.25 -20.66
CA VAL B 130 -16.48 -19.29 -19.66
C VAL B 130 -16.56 -20.63 -20.38
N PHE B 131 -15.63 -21.53 -20.08
CA PHE B 131 -15.68 -22.90 -20.62
C PHE B 131 -16.14 -23.83 -19.51
N ASP B 132 -17.27 -24.48 -19.75
CA ASP B 132 -17.88 -25.43 -18.81
C ASP B 132 -17.23 -26.80 -18.99
N ALA B 133 -16.43 -27.22 -18.01
CA ALA B 133 -15.81 -28.54 -18.02
C ALA B 133 -16.34 -29.41 -16.90
N ARG B 134 -17.59 -29.20 -16.49
CA ARG B 134 -18.15 -29.94 -15.37
C ARG B 134 -18.48 -31.38 -15.72
N ASP B 135 -18.34 -31.79 -16.97
CA ASP B 135 -18.50 -33.19 -17.34
C ASP B 135 -17.18 -33.98 -17.31
N CYS B 136 -16.06 -33.32 -17.00
CA CYS B 136 -14.76 -33.97 -16.95
C CYS B 136 -14.75 -35.07 -15.89
N THR B 137 -14.07 -36.19 -16.20
CA THR B 137 -13.92 -37.29 -15.24
C THR B 137 -12.50 -37.77 -15.06
N THR B 138 -11.54 -37.39 -15.92
CA THR B 138 -10.19 -37.90 -15.84
C THR B 138 -9.20 -36.77 -16.07
N ALA B 139 -7.95 -37.03 -15.68
CA ALA B 139 -6.88 -36.06 -15.92
C ALA B 139 -6.61 -35.86 -17.42
N HIS B 140 -6.80 -36.92 -18.23
CA HIS B 140 -6.67 -36.75 -19.68
C HIS B 140 -7.69 -35.75 -20.21
N GLY B 141 -8.91 -35.80 -19.71
CA GLY B 141 -9.89 -34.81 -20.12
C GLY B 141 -9.54 -33.43 -19.61
N MET B 142 -8.95 -33.34 -18.41
CA MET B 142 -8.50 -32.05 -17.92
C MET B 142 -7.46 -31.47 -18.85
N PHE B 143 -6.50 -32.31 -19.26
CA PHE B 143 -5.48 -31.89 -20.22
C PHE B 143 -6.10 -31.34 -21.51
N ASN B 144 -7.10 -32.05 -22.05
CA ASN B 144 -7.80 -31.61 -23.25
C ASN B 144 -8.44 -30.25 -23.04
N TYR B 145 -9.29 -30.13 -22.01
CA TYR B 145 -9.91 -28.84 -21.69
C TYR B 145 -8.86 -27.74 -21.51
N ILE B 146 -7.73 -28.05 -20.89
CA ILE B 146 -6.75 -27.01 -20.61
C ILE B 146 -6.01 -26.59 -21.88
N CYS B 147 -5.71 -27.55 -22.75
CA CYS B 147 -5.11 -27.21 -24.04
C CYS B 147 -6.03 -26.31 -24.85
N ASN B 148 -7.34 -26.62 -24.86
CA ASN B 148 -8.28 -25.80 -25.62
C ASN B 148 -8.37 -24.40 -25.02
N HIS B 149 -8.31 -24.29 -23.69
CA HIS B 149 -8.29 -22.98 -23.04
C HIS B 149 -7.07 -22.18 -23.48
N VAL B 150 -5.88 -22.79 -23.40
CA VAL B 150 -4.66 -22.09 -23.75
C VAL B 150 -4.68 -21.62 -25.20
N LYS B 151 -5.15 -22.49 -26.11
CA LYS B 151 -5.19 -22.12 -27.52
C LYS B 151 -6.16 -20.98 -27.76
N TYR B 152 -7.33 -21.01 -27.09
CA TYR B 152 -8.33 -19.96 -27.29
C TYR B 152 -7.86 -18.65 -26.69
N ALA B 153 -7.31 -18.71 -25.48
CA ALA B 153 -6.92 -17.50 -24.77
C ALA B 153 -5.70 -16.85 -25.42
N THR B 154 -4.80 -17.65 -25.97
CA THR B 154 -3.59 -17.10 -26.61
C THR B 154 -3.94 -16.40 -27.91
N ASN B 155 -4.67 -17.08 -28.81
CA ASN B 155 -5.26 -16.43 -29.98
C ASN B 155 -4.19 -15.71 -30.79
N LYS B 156 -3.04 -16.37 -30.93
CA LYS B 156 -1.89 -15.86 -31.70
C LYS B 156 -1.40 -14.51 -31.19
N GLY B 157 -1.59 -14.23 -29.91
CA GLY B 157 -1.08 -13.00 -29.32
C GLY B 157 -2.12 -11.94 -29.06
N ASN B 158 -3.31 -12.08 -29.64
CA ASN B 158 -4.44 -11.21 -29.34
C ASN B 158 -5.23 -11.87 -28.22
N LEU B 159 -4.68 -11.75 -27.01
CA LEU B 159 -5.14 -12.54 -25.88
C LEU B 159 -6.58 -12.20 -25.52
N ARG B 160 -7.30 -13.23 -25.08
CA ARG B 160 -8.69 -13.14 -24.70
C ARG B 160 -8.83 -13.78 -23.32
N SER B 161 -9.54 -13.08 -22.42
CA SER B 161 -9.77 -13.60 -21.07
C SER B 161 -10.62 -14.87 -21.11
N ALA B 162 -10.26 -15.85 -20.28
CA ALA B 162 -11.01 -17.10 -20.25
C ALA B 162 -10.87 -17.78 -18.89
N ILE B 163 -11.89 -18.57 -18.56
CA ILE B 163 -11.86 -19.46 -17.40
C ILE B 163 -12.41 -20.82 -17.83
N THR B 164 -11.84 -21.90 -17.29
CA THR B 164 -12.36 -23.24 -17.47
C THR B 164 -12.71 -23.80 -16.10
N ILE B 165 -13.94 -24.27 -15.93
CA ILE B 165 -14.46 -24.66 -14.64
C ILE B 165 -14.69 -26.17 -14.65
N PHE B 166 -13.96 -26.86 -13.79
CA PHE B 166 -14.06 -28.31 -13.63
C PHE B 166 -15.09 -28.64 -12.55
N PRO B 167 -15.44 -29.92 -12.38
CA PRO B 167 -16.53 -30.26 -11.46
C PRO B 167 -16.26 -29.78 -10.04
N GLN B 168 -17.35 -29.42 -9.35
CA GLN B 168 -17.29 -28.85 -8.02
C GLN B 168 -16.91 -29.92 -7.00
N ARG B 169 -16.49 -29.47 -5.83
CA ARG B 169 -16.18 -30.39 -4.74
C ARG B 169 -17.46 -31.15 -4.33
N THR B 170 -17.30 -32.44 -4.02
CA THR B 170 -18.40 -33.25 -3.53
C THR B 170 -18.17 -33.52 -2.04
N ASP B 171 -17.49 -34.60 -1.69
CA ASP B 171 -17.26 -34.95 -0.29
C ASP B 171 -15.91 -34.46 0.22
N GLY B 172 -15.13 -33.79 -0.62
CA GLY B 172 -13.79 -33.40 -0.27
C GLY B 172 -12.73 -34.46 -0.52
N LYS B 173 -13.14 -35.70 -0.77
CA LYS B 173 -12.20 -36.77 -1.09
C LYS B 173 -12.00 -36.95 -2.58
N HIS B 174 -12.61 -36.08 -3.39
CA HIS B 174 -12.64 -36.30 -4.84
C HIS B 174 -12.36 -35.02 -5.62
N ASP B 175 -11.61 -34.09 -5.03
CA ASP B 175 -11.41 -32.79 -5.66
C ASP B 175 -10.76 -32.93 -7.01
N PHE B 176 -11.16 -32.05 -7.93
CA PHE B 176 -10.39 -31.77 -9.12
C PHE B 176 -9.40 -30.67 -8.78
N ARG B 177 -8.14 -30.85 -9.17
CA ARG B 177 -7.09 -29.89 -8.84
C ARG B 177 -6.08 -29.80 -9.98
N VAL B 178 -5.68 -28.58 -10.31
CA VAL B 178 -4.49 -28.35 -11.12
C VAL B 178 -3.35 -28.04 -10.14
N TRP B 179 -2.34 -28.91 -10.10
CA TRP B 179 -1.26 -28.76 -9.11
C TRP B 179 -0.35 -27.58 -9.43
N ASN B 180 -0.21 -27.22 -10.71
CA ASN B 180 0.53 -26.02 -11.09
C ASN B 180 -0.11 -24.78 -10.48
N SER B 181 0.72 -23.79 -10.17
CA SER B 181 0.19 -22.49 -9.73
C SER B 181 -0.31 -21.67 -10.92
N GLN B 182 0.38 -21.76 -12.05
CA GLN B 182 -0.10 -21.21 -13.31
C GLN B 182 -0.02 -22.31 -14.37
N LEU B 183 -0.85 -22.19 -15.41
CA LEU B 183 -0.83 -23.21 -16.46
C LEU B 183 0.52 -23.25 -17.15
N ILE B 184 1.13 -22.09 -17.34
CA ILE B 184 2.44 -21.96 -17.97
C ILE B 184 3.37 -21.30 -16.96
N ARG B 185 4.45 -22.00 -16.60
CA ARG B 185 5.52 -21.45 -15.76
C ARG B 185 6.83 -22.14 -16.12
N TYR B 186 7.94 -21.46 -15.79
CA TYR B 186 9.27 -22.01 -16.02
C TYR B 186 9.78 -22.77 -14.81
N ALA B 187 10.46 -23.89 -15.07
CA ALA B 187 11.04 -24.67 -13.99
C ALA B 187 12.18 -23.91 -13.32
N GLY B 188 12.49 -24.32 -12.10
CA GLY B 188 13.60 -23.76 -11.35
C GLY B 188 14.32 -24.84 -10.57
N TYR B 189 15.65 -24.90 -10.68
CA TYR B 189 16.42 -26.02 -10.16
C TYR B 189 17.38 -25.58 -9.07
N LYS B 190 17.54 -26.44 -8.08
CA LYS B 190 18.53 -26.22 -7.03
C LYS B 190 19.92 -26.52 -7.56
N GLN B 191 20.83 -25.51 -7.51
CA GLN B 191 22.16 -25.68 -8.06
C GLN B 191 23.15 -26.13 -6.98
N PRO B 192 24.23 -26.80 -7.39
CA PRO B 192 25.17 -27.34 -6.38
C PRO B 192 25.66 -26.32 -5.38
N ASP B 193 26.04 -25.13 -5.82
CA ASP B 193 26.46 -24.09 -4.89
C ASP B 193 25.26 -23.63 -4.06
N GLY B 194 24.34 -22.90 -4.69
CA GLY B 194 23.19 -22.36 -3.99
C GLY B 194 22.40 -21.39 -4.84
N SER B 195 22.94 -21.03 -6.00
CA SER B 195 22.21 -20.22 -6.97
C SER B 195 21.10 -21.07 -7.58
N THR B 196 20.45 -20.54 -8.62
CA THR B 196 19.24 -21.18 -9.16
C THR B 196 19.25 -21.08 -10.68
N LEU B 197 19.14 -22.23 -11.34
CA LEU B 197 18.92 -22.27 -12.77
C LEU B 197 17.42 -22.19 -13.02
N GLY B 198 16.99 -21.15 -13.73
CA GLY B 198 15.57 -20.95 -13.99
C GLY B 198 14.88 -20.10 -12.94
N ASP B 199 13.60 -20.38 -12.69
CA ASP B 199 12.76 -19.51 -11.89
C ASP B 199 12.80 -19.92 -10.42
N PRO B 200 13.31 -19.09 -9.51
CA PRO B 200 13.35 -19.50 -8.09
C PRO B 200 11.99 -19.73 -7.47
N ALA B 201 10.92 -19.14 -8.03
CA ALA B 201 9.59 -19.29 -7.46
C ALA B 201 9.07 -20.72 -7.53
N ASN B 202 9.62 -21.54 -8.42
CA ASN B 202 9.02 -22.83 -8.75
C ASN B 202 9.91 -24.01 -8.38
N VAL B 203 10.89 -23.80 -7.51
CA VAL B 203 11.81 -24.88 -7.15
C VAL B 203 11.04 -26.06 -6.55
N GLN B 204 10.16 -25.78 -5.59
CA GLN B 204 9.46 -26.86 -4.91
C GLN B 204 8.61 -27.67 -5.89
N PHE B 205 7.88 -26.97 -6.76
CA PHE B 205 6.97 -27.66 -7.67
C PHE B 205 7.73 -28.41 -8.76
N THR B 206 8.83 -27.83 -9.25
CA THR B 206 9.72 -28.54 -10.15
C THR B 206 10.18 -29.86 -9.55
N GLU B 207 10.65 -29.82 -8.30
CA GLU B 207 11.08 -31.04 -7.62
C GLU B 207 9.94 -32.04 -7.54
N ILE B 208 8.73 -31.57 -7.28
CA ILE B 208 7.58 -32.46 -7.26
C ILE B 208 7.40 -33.14 -8.62
N CYS B 209 7.54 -32.37 -9.71
CA CYS B 209 7.35 -32.95 -11.05
C CYS B 209 8.45 -33.97 -11.38
N ILE B 210 9.69 -33.70 -10.97
CA ILE B 210 10.77 -34.65 -11.20
C ILE B 210 10.55 -35.92 -10.40
N GLN B 211 10.10 -35.80 -9.15
CA GLN B 211 9.75 -36.97 -8.36
C GLN B 211 8.64 -37.77 -9.00
N GLN B 212 7.71 -37.09 -9.68
CA GLN B 212 6.58 -37.73 -10.32
C GLN B 212 6.92 -38.34 -11.68
N GLY B 213 8.17 -38.25 -12.12
CA GLY B 213 8.62 -38.87 -13.35
C GLY B 213 9.03 -37.92 -14.45
N TRP B 214 8.83 -36.61 -14.29
CA TRP B 214 9.22 -35.66 -15.33
C TRP B 214 10.72 -35.68 -15.55
N LYS B 215 11.14 -35.67 -16.80
CA LYS B 215 12.56 -35.61 -17.11
C LYS B 215 12.93 -34.14 -17.34
N PRO B 216 13.64 -33.49 -16.43
CA PRO B 216 13.90 -32.05 -16.57
C PRO B 216 14.96 -31.79 -17.63
N PRO B 217 14.66 -30.91 -18.59
CA PRO B 217 15.72 -30.46 -19.51
C PRO B 217 16.81 -29.65 -18.83
N ARG B 218 16.57 -29.19 -17.60
CA ARG B 218 17.57 -28.47 -16.81
C ARG B 218 18.11 -27.28 -17.58
N GLY B 219 17.19 -26.47 -18.12
CA GLY B 219 17.51 -25.23 -18.77
C GLY B 219 17.07 -24.03 -17.95
N ARG B 220 17.15 -22.87 -18.60
CA ARG B 220 16.79 -21.61 -17.95
C ARG B 220 15.31 -21.28 -18.08
N PHE B 221 14.66 -21.74 -19.16
CA PHE B 221 13.25 -21.46 -19.40
C PHE B 221 12.55 -22.75 -19.84
N ASP B 222 12.57 -23.74 -18.96
CA ASP B 222 11.88 -25.01 -19.21
C ASP B 222 10.42 -24.87 -18.80
N VAL B 223 9.52 -24.87 -19.79
CA VAL B 223 8.09 -24.89 -19.47
C VAL B 223 7.75 -26.14 -18.68
N LEU B 224 7.12 -25.94 -17.53
CA LEU B 224 6.80 -27.04 -16.65
C LEU B 224 5.69 -27.91 -17.25
N PRO B 225 5.64 -29.18 -16.88
CA PRO B 225 4.52 -30.02 -17.35
C PRO B 225 3.30 -29.75 -16.51
N LEU B 226 2.14 -30.04 -17.09
CA LEU B 226 0.90 -29.97 -16.32
C LEU B 226 0.84 -31.18 -15.39
N LEU B 227 0.47 -30.93 -14.12
CA LEU B 227 0.26 -31.97 -13.11
C LEU B 227 -1.20 -31.89 -12.69
N LEU B 228 -2.00 -32.87 -13.12
CA LEU B 228 -3.45 -32.74 -13.14
C LEU B 228 -4.10 -33.84 -12.31
N GLN B 229 -5.03 -33.45 -11.44
CA GLN B 229 -5.68 -34.34 -10.50
C GLN B 229 -7.18 -34.34 -10.75
N ALA B 230 -7.74 -35.50 -11.07
CA ALA B 230 -9.17 -35.65 -11.34
C ALA B 230 -9.79 -36.60 -10.32
N ASN B 231 -10.94 -36.19 -9.76
CA ASN B 231 -11.76 -37.05 -8.91
C ASN B 231 -10.99 -37.55 -7.68
N GLY B 232 -10.06 -36.74 -7.17
CA GLY B 232 -9.28 -37.13 -6.02
C GLY B 232 -8.22 -38.18 -6.26
N ASN B 233 -8.00 -38.59 -7.50
CA ASN B 233 -6.98 -39.58 -7.81
C ASN B 233 -5.59 -38.96 -7.74
N ASP B 234 -4.58 -39.83 -7.75
CA ASP B 234 -3.22 -39.38 -7.90
C ASP B 234 -3.10 -38.49 -9.15
N PRO B 235 -2.35 -37.39 -9.08
CA PRO B 235 -2.21 -36.53 -10.25
C PRO B 235 -1.30 -37.15 -11.30
N GLU B 236 -1.48 -36.69 -12.55
CA GLU B 236 -0.79 -37.24 -13.70
C GLU B 236 -0.12 -36.11 -14.49
N LEU B 237 1.04 -36.43 -15.08
CA LEU B 237 1.82 -35.44 -15.82
C LEU B 237 1.43 -35.40 -17.30
N PHE B 238 1.51 -34.20 -17.88
CA PHE B 238 1.20 -33.95 -19.29
C PHE B 238 2.10 -32.83 -19.81
N GLN B 239 2.59 -32.97 -21.03
CA GLN B 239 3.37 -31.93 -21.68
C GLN B 239 2.46 -31.08 -22.54
N ILE B 240 2.39 -29.79 -22.24
CA ILE B 240 1.62 -28.89 -23.14
C ILE B 240 2.30 -28.86 -24.50
N PRO B 241 1.58 -29.02 -25.61
CA PRO B 241 2.21 -28.94 -26.93
C PRO B 241 2.90 -27.61 -27.11
N PRO B 242 4.19 -27.62 -27.45
CA PRO B 242 4.98 -26.38 -27.38
C PRO B 242 4.48 -25.30 -28.33
N GLU B 243 3.85 -25.68 -29.45
CA GLU B 243 3.30 -24.67 -30.34
C GLU B 243 2.17 -23.88 -29.69
N LEU B 244 1.58 -24.38 -28.61
CA LEU B 244 0.55 -23.64 -27.91
C LEU B 244 1.12 -22.63 -26.90
N VAL B 245 2.43 -22.63 -26.67
CA VAL B 245 3.05 -21.77 -25.66
C VAL B 245 3.71 -20.60 -26.37
N LEU B 246 3.04 -19.45 -26.35
CA LEU B 246 3.60 -18.23 -26.95
C LEU B 246 4.58 -17.56 -26.01
N GLU B 247 5.78 -17.28 -26.52
CA GLU B 247 6.82 -16.64 -25.73
C GLU B 247 7.35 -15.39 -26.44
N VAL B 248 7.99 -14.54 -25.65
CA VAL B 248 8.47 -13.24 -26.10
C VAL B 248 9.92 -13.10 -25.67
N PRO B 249 10.89 -13.01 -26.58
CA PRO B 249 12.25 -12.66 -26.18
C PRO B 249 12.29 -11.22 -25.70
N ILE B 250 12.95 -10.98 -24.56
CA ILE B 250 13.03 -9.64 -23.99
C ILE B 250 14.24 -8.92 -24.60
N ARG B 251 14.00 -7.76 -25.21
CA ARG B 251 15.07 -6.92 -25.72
C ARG B 251 14.75 -5.46 -25.38
N HIS B 252 15.77 -4.62 -25.45
CA HIS B 252 15.62 -3.22 -25.11
C HIS B 252 15.65 -2.34 -26.36
N PRO B 253 14.82 -1.30 -26.42
CA PRO B 253 14.78 -0.44 -27.62
C PRO B 253 15.97 0.50 -27.75
N LYS B 254 16.78 0.66 -26.71
CA LYS B 254 17.99 1.47 -26.71
C LYS B 254 19.25 0.67 -26.44
N PHE B 255 19.18 -0.25 -25.48
CA PHE B 255 20.33 -1.04 -25.06
C PHE B 255 20.41 -2.28 -25.93
N GLU B 256 21.32 -2.23 -26.91
CA GLU B 256 21.51 -3.39 -27.78
C GLU B 256 22.03 -4.60 -27.02
N TRP B 257 22.65 -4.40 -25.86
CA TRP B 257 23.19 -5.51 -25.09
C TRP B 257 22.12 -6.25 -24.30
N PHE B 258 20.89 -5.76 -24.28
CA PHE B 258 19.87 -6.39 -23.44
C PHE B 258 19.47 -7.76 -23.99
N LYS B 259 19.41 -7.90 -25.32
CA LYS B 259 19.08 -9.18 -25.90
C LYS B 259 20.13 -10.23 -25.56
N ASP B 260 21.38 -9.80 -25.36
CA ASP B 260 22.44 -10.73 -24.97
C ASP B 260 22.21 -11.35 -23.59
N LEU B 261 21.30 -10.78 -22.78
CA LEU B 261 20.95 -11.42 -21.52
C LEU B 261 20.20 -12.73 -21.72
N GLY B 262 19.66 -12.97 -22.91
CA GLY B 262 19.01 -14.23 -23.21
C GLY B 262 17.67 -14.44 -22.55
N LEU B 263 17.07 -13.41 -21.97
CA LEU B 263 15.80 -13.56 -21.28
C LEU B 263 14.64 -13.69 -22.25
N LYS B 264 13.60 -14.37 -21.79
CA LYS B 264 12.31 -14.39 -22.45
C LYS B 264 11.25 -14.65 -21.39
N TRP B 265 9.99 -14.43 -21.75
CA TRP B 265 8.87 -14.78 -20.90
C TRP B 265 7.71 -15.28 -21.75
N TYR B 266 6.72 -15.87 -21.10
CA TYR B 266 5.53 -16.36 -21.79
C TYR B 266 4.45 -15.30 -21.82
N GLY B 267 3.59 -15.40 -22.85
CA GLY B 267 2.59 -14.36 -23.06
C GLY B 267 1.36 -14.48 -22.19
N LEU B 268 1.05 -15.68 -21.70
CA LEU B 268 -0.26 -15.94 -21.12
C LEU B 268 -0.18 -16.18 -19.62
N PRO B 269 -0.67 -15.24 -18.80
CA PRO B 269 -0.78 -15.52 -17.36
C PRO B 269 -2.09 -16.24 -17.06
N ALA B 270 -1.99 -17.46 -16.57
CA ALA B 270 -3.17 -18.29 -16.34
C ALA B 270 -3.07 -18.89 -14.94
N VAL B 271 -3.73 -18.28 -13.97
CA VAL B 271 -3.62 -18.76 -12.59
C VAL B 271 -4.56 -19.94 -12.38
N SER B 272 -4.02 -21.02 -11.80
CA SER B 272 -4.69 -22.31 -11.76
C SER B 272 -4.81 -22.93 -10.38
N ASN B 273 -4.34 -22.27 -9.32
CA ASN B 273 -4.36 -22.86 -7.99
C ASN B 273 -5.39 -22.22 -7.06
N MET B 274 -6.31 -21.43 -7.60
CA MET B 274 -7.30 -20.78 -6.77
C MET B 274 -8.65 -21.51 -6.84
N LEU B 275 -9.52 -21.18 -5.90
CA LEU B 275 -10.81 -21.86 -5.76
C LEU B 275 -11.93 -20.87 -6.05
N LEU B 276 -12.89 -21.31 -6.85
CA LEU B 276 -14.05 -20.51 -7.21
C LEU B 276 -15.25 -20.97 -6.40
N GLU B 277 -15.91 -20.03 -5.73
CA GLU B 277 -17.09 -20.32 -4.94
C GLU B 277 -18.29 -19.59 -5.52
N ILE B 278 -19.36 -20.35 -5.82
CA ILE B 278 -20.58 -19.78 -6.38
C ILE B 278 -21.76 -20.38 -5.64
N GLY B 279 -22.55 -19.53 -4.98
CA GLY B 279 -23.75 -20.00 -4.30
C GLY B 279 -23.53 -21.16 -3.35
N GLY B 280 -22.40 -21.15 -2.62
CA GLY B 280 -22.07 -22.22 -1.71
C GLY B 280 -21.33 -23.40 -2.32
N LEU B 281 -21.23 -23.47 -3.64
CA LEU B 281 -20.52 -24.54 -4.32
C LEU B 281 -19.06 -24.15 -4.53
N GLU B 282 -18.16 -25.14 -4.45
CA GLU B 282 -16.73 -24.90 -4.50
C GLU B 282 -16.11 -25.57 -5.71
N PHE B 283 -15.47 -24.79 -6.56
CA PHE B 283 -14.84 -25.30 -7.77
C PHE B 283 -13.33 -25.18 -7.61
N SER B 284 -12.70 -26.30 -7.21
CA SER B 284 -11.30 -26.28 -6.81
C SER B 284 -10.33 -26.32 -7.97
N ALA B 285 -10.80 -26.60 -9.19
CA ALA B 285 -9.98 -26.48 -10.38
C ALA B 285 -10.70 -25.54 -11.34
N CYS B 286 -10.15 -24.35 -11.51
CA CYS B 286 -10.83 -23.33 -12.29
C CYS B 286 -9.84 -22.37 -12.90
N PRO B 287 -8.84 -22.84 -13.66
CA PRO B 287 -7.80 -21.92 -14.14
C PRO B 287 -8.39 -20.79 -14.97
N PHE B 288 -7.94 -19.57 -14.69
CA PHE B 288 -8.40 -18.38 -15.40
C PHE B 288 -7.21 -17.57 -15.88
N SER B 289 -7.37 -16.93 -17.03
CA SER B 289 -6.27 -16.26 -17.67
C SER B 289 -6.73 -14.92 -18.24
N GLY B 290 -5.79 -13.99 -18.32
CA GLY B 290 -6.03 -12.72 -18.98
C GLY B 290 -4.84 -12.31 -19.82
N TRP B 291 -4.33 -11.12 -19.58
CA TRP B 291 -3.05 -10.70 -20.15
C TRP B 291 -2.30 -9.95 -19.07
N TYR B 292 -1.00 -9.79 -19.28
CA TYR B 292 -0.11 -9.28 -18.25
C TYR B 292 -0.15 -7.77 -18.14
N MET B 293 0.00 -7.27 -16.91
CA MET B 293 0.53 -5.93 -16.72
C MET B 293 2.05 -6.05 -16.61
N GLY B 294 2.75 -5.11 -17.24
CA GLY B 294 4.18 -5.27 -17.44
C GLY B 294 4.95 -5.53 -16.16
N THR B 295 4.55 -4.86 -15.07
CA THR B 295 5.27 -4.98 -13.80
C THR B 295 5.16 -6.37 -13.19
N GLU B 296 4.19 -7.20 -13.63
CA GLU B 296 4.05 -8.54 -13.08
C GLU B 296 5.15 -9.49 -13.51
N ILE B 297 5.80 -9.21 -14.64
CA ILE B 297 6.63 -10.22 -15.28
C ILE B 297 7.92 -10.39 -14.48
N GLY B 298 8.05 -11.53 -13.80
CA GLY B 298 9.03 -11.73 -12.74
C GLY B 298 10.42 -12.05 -13.22
N VAL B 299 10.71 -11.72 -14.47
CA VAL B 299 12.02 -11.93 -15.06
C VAL B 299 13.12 -11.22 -14.28
N ARG B 300 12.76 -10.34 -13.35
CA ARG B 300 13.74 -9.62 -12.54
C ARG B 300 14.53 -10.56 -11.63
N ASP B 301 13.86 -11.59 -11.10
CA ASP B 301 14.46 -12.49 -10.11
C ASP B 301 15.29 -13.62 -10.72
N TYR B 302 15.41 -13.68 -12.04
CA TYR B 302 16.29 -14.68 -12.64
C TYR B 302 17.75 -14.40 -12.28
N CYS B 303 18.61 -15.35 -12.61
CA CYS B 303 20.05 -15.20 -12.43
C CYS B 303 20.72 -15.18 -13.80
N ASP B 304 21.58 -14.18 -14.02
CA ASP B 304 22.36 -14.17 -15.25
C ASP B 304 23.58 -15.07 -15.14
N ASN B 305 24.40 -14.86 -14.11
CA ASN B 305 25.54 -15.72 -13.86
C ASN B 305 25.33 -16.52 -12.57
N SER B 306 26.40 -16.71 -11.80
CA SER B 306 26.36 -17.57 -10.62
C SER B 306 26.25 -16.79 -9.32
N ARG B 307 25.88 -15.51 -9.38
CA ARG B 307 25.84 -14.69 -8.16
C ARG B 307 24.94 -13.46 -8.30
N TYR B 308 24.75 -12.99 -9.53
CA TYR B 308 24.05 -11.73 -9.79
C TYR B 308 22.72 -12.01 -10.47
N ASN B 309 21.65 -11.42 -9.95
CA ASN B 309 20.36 -11.55 -10.62
C ASN B 309 20.28 -10.54 -11.78
N ILE B 310 19.14 -10.55 -12.47
CA ILE B 310 18.98 -9.69 -13.64
C ILE B 310 19.13 -8.22 -13.25
N LEU B 311 18.59 -7.84 -12.10
CA LEU B 311 18.66 -6.44 -11.68
C LEU B 311 20.10 -6.00 -11.49
N GLU B 312 20.90 -6.80 -10.78
CA GLU B 312 22.32 -6.50 -10.63
C GLU B 312 23.04 -6.51 -11.97
N GLU B 313 22.72 -7.48 -12.83
CA GLU B 313 23.41 -7.57 -14.10
C GLU B 313 23.04 -6.40 -15.01
N VAL B 314 21.76 -6.01 -14.98
CA VAL B 314 21.33 -4.87 -15.80
C VAL B 314 22.02 -3.60 -15.34
N ALA B 315 22.03 -3.35 -14.03
CA ALA B 315 22.74 -2.18 -13.52
C ALA B 315 24.22 -2.25 -13.87
N LYS B 316 24.79 -3.46 -13.87
CA LYS B 316 26.20 -3.62 -14.24
C LYS B 316 26.43 -3.22 -15.69
N LYS B 317 25.62 -3.77 -16.60
CA LYS B 317 25.75 -3.43 -18.02
C LYS B 317 25.45 -1.95 -18.26
N MET B 318 24.62 -1.34 -17.42
CA MET B 318 24.39 0.10 -17.51
C MET B 318 25.54 0.94 -16.98
N ASN B 319 26.53 0.32 -16.34
CA ASN B 319 27.68 1.01 -15.75
C ASN B 319 27.22 2.04 -14.71
N LEU B 320 26.42 1.59 -13.76
CA LEU B 320 25.95 2.42 -12.67
C LEU B 320 26.81 2.19 -11.43
N ASP B 321 26.72 3.14 -10.50
CA ASP B 321 27.43 3.02 -9.22
C ASP B 321 26.63 2.14 -8.28
N MET B 322 27.09 0.92 -8.05
CA MET B 322 26.35 -0.04 -7.27
C MET B 322 26.86 -0.17 -5.84
N ARG B 323 27.66 0.79 -5.37
CA ARG B 323 28.21 0.70 -4.03
C ARG B 323 27.30 1.33 -2.98
N LYS B 324 26.66 2.45 -3.30
CA LYS B 324 25.72 3.10 -2.40
C LYS B 324 24.30 2.84 -2.87
N THR B 325 23.37 2.73 -1.91
CA THR B 325 21.97 2.62 -2.28
C THR B 325 21.41 3.95 -2.76
N SER B 326 21.94 5.06 -2.24
CA SER B 326 21.40 6.38 -2.58
C SER B 326 21.73 6.81 -4.01
N SER B 327 22.62 6.12 -4.71
CA SER B 327 22.71 6.26 -6.16
C SER B 327 21.46 5.77 -6.87
N LEU B 328 20.58 5.07 -6.16
CA LEU B 328 19.31 4.60 -6.71
C LEU B 328 19.52 3.74 -7.96
N TRP B 329 20.62 2.98 -7.99
CA TRP B 329 20.90 2.12 -9.14
C TRP B 329 19.84 1.04 -9.31
N LYS B 330 19.30 0.53 -8.20
CA LYS B 330 18.22 -0.46 -8.31
C LYS B 330 17.02 0.16 -9.00
N ASP B 331 16.65 1.38 -8.61
CA ASP B 331 15.48 2.02 -9.19
C ASP B 331 15.69 2.28 -10.67
N GLN B 332 16.91 2.65 -11.06
CA GLN B 332 17.18 2.94 -12.46
C GLN B 332 17.13 1.67 -13.31
N ALA B 333 17.77 0.60 -12.85
CA ALA B 333 17.72 -0.65 -13.59
C ALA B 333 16.32 -1.26 -13.59
N LEU B 334 15.52 -0.99 -12.56
CA LEU B 334 14.16 -1.53 -12.56
C LEU B 334 13.33 -0.95 -13.69
N VAL B 335 13.41 0.36 -13.90
CA VAL B 335 12.61 0.99 -14.92
C VAL B 335 13.02 0.50 -16.30
N GLU B 336 14.32 0.34 -16.54
CA GLU B 336 14.78 -0.12 -17.84
C GLU B 336 14.26 -1.52 -18.15
N ILE B 337 14.38 -2.44 -17.17
CA ILE B 337 13.83 -3.79 -17.34
C ILE B 337 12.37 -3.73 -17.70
N ASN B 338 11.63 -2.80 -17.09
CA ASN B 338 10.22 -2.73 -17.40
C ASN B 338 9.96 -2.09 -18.75
N ILE B 339 10.80 -1.13 -19.18
CA ILE B 339 10.72 -0.63 -20.55
C ILE B 339 10.95 -1.78 -21.54
N ALA B 340 11.96 -2.64 -21.26
CA ALA B 340 12.28 -3.72 -22.18
C ALA B 340 11.14 -4.71 -22.31
N VAL B 341 10.48 -5.05 -21.19
CA VAL B 341 9.35 -5.98 -21.23
C VAL B 341 8.22 -5.42 -22.10
N LEU B 342 7.82 -4.17 -21.84
CA LEU B 342 6.75 -3.57 -22.61
C LEU B 342 7.13 -3.45 -24.08
N TYR B 343 8.35 -3.00 -24.38
CA TYR B 343 8.77 -2.87 -25.77
C TYR B 343 8.71 -4.21 -26.49
N SER B 344 9.09 -5.29 -25.78
CA SER B 344 9.23 -6.59 -26.39
C SER B 344 7.87 -7.21 -26.73
N PHE B 345 6.93 -7.15 -25.78
CA PHE B 345 5.58 -7.64 -26.03
C PHE B 345 4.89 -6.84 -27.13
N GLN B 346 5.04 -5.51 -27.09
CA GLN B 346 4.40 -4.67 -28.10
C GLN B 346 4.99 -4.93 -29.48
N SER B 347 6.30 -5.21 -29.54
CA SER B 347 6.95 -5.46 -30.83
C SER B 347 6.50 -6.79 -31.44
N ASP B 348 6.14 -7.77 -30.60
CA ASP B 348 5.66 -9.05 -31.11
C ASP B 348 4.15 -9.13 -31.16
N LYS B 349 3.46 -8.01 -30.93
CA LYS B 349 2.00 -7.96 -30.97
C LYS B 349 1.37 -8.97 -30.02
N VAL B 350 1.91 -9.04 -28.81
CA VAL B 350 1.34 -9.84 -27.73
C VAL B 350 0.71 -8.86 -26.74
N THR B 351 -0.56 -9.07 -26.40
CA THR B 351 -1.26 -8.14 -25.51
C THR B 351 -0.52 -7.94 -24.19
N ILE B 352 -0.36 -6.68 -23.79
CA ILE B 352 0.23 -6.32 -22.51
C ILE B 352 -0.29 -4.93 -22.19
N VAL B 353 -0.36 -4.59 -20.91
CA VAL B 353 -0.79 -3.25 -20.49
C VAL B 353 0.25 -2.71 -19.51
N ASP B 354 0.55 -1.41 -19.62
CA ASP B 354 1.46 -0.84 -18.64
C ASP B 354 0.69 -0.43 -17.39
N HIS B 355 1.42 -0.24 -16.28
CA HIS B 355 0.77 0.08 -15.02
C HIS B 355 0.09 1.46 -15.05
N HIS B 356 0.58 2.39 -15.86
CA HIS B 356 -0.09 3.68 -16.00
C HIS B 356 -1.46 3.54 -16.66
N SER B 357 -1.49 2.86 -17.81
CA SER B 357 -2.76 2.62 -18.49
C SER B 357 -3.71 1.80 -17.62
N ALA B 358 -3.22 0.75 -16.96
CA ALA B 358 -4.11 -0.15 -16.22
C ALA B 358 -4.73 0.53 -15.00
N THR B 359 -3.94 1.32 -14.25
CA THR B 359 -4.53 1.98 -13.09
C THR B 359 -5.46 3.11 -13.52
N GLU B 360 -5.16 3.76 -14.65
CA GLU B 360 -6.09 4.70 -15.26
C GLU B 360 -7.42 4.03 -15.56
N SER B 361 -7.37 2.86 -16.20
CA SER B 361 -8.60 2.13 -16.49
CA SER B 361 -8.60 2.13 -16.49
C SER B 361 -9.33 1.76 -15.20
N PHE B 362 -8.58 1.44 -14.15
CA PHE B 362 -9.25 1.00 -12.92
C PHE B 362 -10.01 2.13 -12.26
N ILE B 363 -9.44 3.33 -12.26
CA ILE B 363 -10.17 4.48 -11.71
C ILE B 363 -11.44 4.72 -12.50
N LYS B 364 -11.37 4.55 -13.82
CA LYS B 364 -12.59 4.68 -14.61
C LYS B 364 -13.55 3.53 -14.31
N HIS B 365 -13.00 2.36 -14.04
CA HIS B 365 -13.83 1.22 -13.66
C HIS B 365 -14.54 1.47 -12.34
N MET B 366 -13.82 2.01 -11.35
CA MET B 366 -14.47 2.36 -10.09
C MET B 366 -15.62 3.34 -10.30
N GLU B 367 -15.40 4.38 -11.11
CA GLU B 367 -16.45 5.35 -11.41
C GLU B 367 -17.69 4.64 -11.95
N ASN B 368 -17.49 3.72 -12.91
CA ASN B 368 -18.61 2.96 -13.46
C ASN B 368 -19.32 2.17 -12.38
N GLU B 369 -18.56 1.49 -11.53
CA GLU B 369 -19.14 0.57 -10.56
C GLU B 369 -19.89 1.31 -9.48
N TYR B 370 -19.37 2.45 -9.00
CA TYR B 370 -20.13 3.23 -8.03
C TYR B 370 -21.42 3.73 -8.65
N ARG B 371 -21.37 4.12 -9.92
CA ARG B 371 -22.57 4.64 -10.56
C ARG B 371 -23.62 3.54 -10.72
N CYS B 372 -23.23 2.39 -11.28
CA CYS B 372 -24.22 1.37 -11.61
C CYS B 372 -24.44 0.34 -10.50
N ARG B 373 -23.44 0.09 -9.66
CA ARG B 373 -23.54 -0.93 -8.63
C ARG B 373 -23.55 -0.39 -7.21
N GLY B 374 -23.26 0.90 -7.00
CA GLY B 374 -23.20 1.43 -5.66
C GLY B 374 -21.87 1.24 -4.95
N GLY B 375 -20.89 0.64 -5.60
CA GLY B 375 -19.57 0.51 -5.02
C GLY B 375 -18.71 -0.46 -5.80
N CYS B 376 -17.47 -0.59 -5.34
CA CYS B 376 -16.49 -1.49 -5.92
C CYS B 376 -15.48 -1.87 -4.83
N PRO B 377 -15.49 -3.11 -4.34
CA PRO B 377 -14.50 -3.52 -3.36
C PRO B 377 -13.10 -3.50 -3.94
N ALA B 378 -12.18 -2.87 -3.22
CA ALA B 378 -10.85 -2.62 -3.78
C ALA B 378 -9.82 -2.62 -2.65
N ASP B 379 -8.74 -3.34 -2.88
CA ASP B 379 -7.66 -3.57 -1.91
C ASP B 379 -6.48 -2.71 -2.36
N TRP B 380 -6.35 -1.52 -1.75
CA TRP B 380 -5.30 -0.58 -2.13
C TRP B 380 -3.92 -1.24 -2.10
N VAL B 381 -3.69 -2.11 -1.11
CA VAL B 381 -2.38 -2.72 -0.92
C VAL B 381 -1.96 -3.51 -2.15
N TRP B 382 -2.92 -4.04 -2.89
CA TRP B 382 -2.63 -4.84 -4.06
C TRP B 382 -2.89 -4.12 -5.37
N ILE B 383 -3.79 -3.13 -5.38
CA ILE B 383 -4.09 -2.42 -6.62
C ILE B 383 -2.94 -1.50 -7.01
N VAL B 384 -2.29 -0.88 -6.04
CA VAL B 384 -1.18 0.03 -6.39
C VAL B 384 -0.02 -0.79 -6.94
N PRO B 385 0.55 -0.39 -8.08
CA PRO B 385 1.59 -1.20 -8.75
C PRO B 385 2.88 -1.22 -7.94
N PRO B 386 3.73 -2.22 -8.17
CA PRO B 386 4.94 -2.39 -7.37
C PRO B 386 6.11 -1.47 -7.74
N MET B 387 5.89 -0.46 -8.59
CA MET B 387 6.83 0.63 -8.77
C MET B 387 6.03 1.88 -9.12
N SER B 388 6.65 3.04 -8.87
CA SER B 388 6.09 4.33 -9.28
C SER B 388 4.68 4.53 -8.73
N GLY B 389 4.41 4.00 -7.53
CA GLY B 389 3.06 4.03 -6.99
C GLY B 389 2.40 5.38 -7.03
N SER B 390 3.06 6.41 -6.48
CA SER B 390 2.40 7.71 -6.33
C SER B 390 2.24 8.46 -7.64
N ILE B 391 2.93 8.09 -8.71
CA ILE B 391 2.67 8.75 -9.98
C ILE B 391 1.63 7.99 -10.81
N THR B 392 1.01 6.96 -10.22
CA THR B 392 -0.17 6.37 -10.85
C THR B 392 -1.42 6.88 -10.16
N PRO B 393 -2.57 6.92 -10.84
CA PRO B 393 -3.74 7.59 -10.26
C PRO B 393 -4.42 6.81 -9.12
N VAL B 394 -4.09 5.54 -8.91
CA VAL B 394 -4.69 4.83 -7.78
C VAL B 394 -4.04 5.18 -6.44
N PHE B 395 -2.80 5.65 -6.43
CA PHE B 395 -2.15 5.97 -5.15
C PHE B 395 -3.02 6.88 -4.29
N HIS B 396 -3.54 7.96 -4.88
CA HIS B 396 -4.28 8.94 -4.10
C HIS B 396 -5.77 8.65 -4.06
N GLN B 397 -6.17 7.46 -4.49
CA GLN B 397 -7.58 7.06 -4.52
C GLN B 397 -7.88 6.24 -3.29
N GLU B 398 -8.73 6.78 -2.40
CA GLU B 398 -9.21 5.99 -1.28
C GLU B 398 -10.08 4.84 -1.78
N MET B 399 -9.96 3.69 -1.14
CA MET B 399 -10.72 2.51 -1.53
C MET B 399 -11.30 1.89 -0.27
N LEU B 400 -12.43 1.21 -0.44
CA LEU B 400 -13.01 0.40 0.62
C LEU B 400 -12.88 -1.05 0.21
N ASN B 401 -12.35 -1.89 1.10
CA ASN B 401 -12.21 -3.31 0.80
C ASN B 401 -13.27 -4.08 1.57
N TYR B 402 -13.98 -4.95 0.85
CA TYR B 402 -14.98 -5.82 1.46
C TYR B 402 -15.16 -7.02 0.55
N ARG B 403 -15.74 -8.07 1.11
CA ARG B 403 -15.75 -9.38 0.46
C ARG B 403 -17.16 -9.69 -0.01
N LEU B 404 -17.36 -9.78 -1.32
CA LEU B 404 -18.61 -10.22 -1.90
C LEU B 404 -18.43 -11.59 -2.52
N THR B 405 -19.54 -12.32 -2.62
CA THR B 405 -19.57 -13.60 -3.31
C THR B 405 -20.52 -13.51 -4.51
N PRO B 406 -20.27 -14.25 -5.60
CA PRO B 406 -19.17 -15.20 -5.86
C PRO B 406 -17.75 -14.62 -5.75
N SER B 407 -16.79 -15.48 -5.41
CA SER B 407 -15.44 -15.01 -5.18
C SER B 407 -14.43 -16.08 -5.55
N PHE B 408 -13.20 -15.63 -5.82
CA PHE B 408 -12.04 -16.49 -5.86
C PHE B 408 -11.38 -16.51 -4.49
N GLU B 409 -11.06 -17.72 -4.03
CA GLU B 409 -10.45 -17.92 -2.71
C GLU B 409 -9.12 -18.64 -2.87
N TYR B 410 -8.25 -18.41 -1.90
CA TYR B 410 -7.07 -19.24 -1.75
C TYR B 410 -7.45 -20.61 -1.22
N GLN B 411 -6.60 -21.58 -1.49
CA GLN B 411 -6.81 -22.94 -1.03
C GLN B 411 -5.45 -23.56 -0.76
N PRO B 412 -5.38 -24.58 0.09
CA PRO B 412 -4.10 -25.26 0.33
C PRO B 412 -3.55 -25.91 -0.92
N ASP B 413 -2.23 -25.97 -1.01
CA ASP B 413 -1.60 -26.73 -2.08
C ASP B 413 -1.93 -28.21 -1.92
N PRO B 414 -2.19 -28.91 -3.03
CA PRO B 414 -2.73 -30.27 -2.92
C PRO B 414 -1.75 -31.25 -2.30
N TRP B 415 -0.45 -31.04 -2.48
CA TRP B 415 0.51 -31.98 -1.94
C TRP B 415 0.55 -31.96 -0.41
N ASN B 416 -0.03 -30.94 0.23
CA ASN B 416 -0.15 -30.93 1.69
C ASN B 416 -1.41 -31.65 2.18
N THR B 417 -2.36 -31.95 1.30
CA THR B 417 -3.61 -32.60 1.70
C THR B 417 -3.80 -33.99 1.09
N HIS B 418 -3.10 -34.32 0.01
CA HIS B 418 -3.41 -35.51 -0.77
C HIS B 418 -2.83 -36.76 -0.13
N VAL B 419 -3.65 -37.80 -0.03
CA VAL B 419 -3.18 -39.13 0.39
C VAL B 419 -3.00 -39.96 -0.88
N TRP B 420 -1.75 -40.24 -1.22
CA TRP B 420 -1.45 -40.97 -2.44
C TRP B 420 -2.01 -42.38 -2.39
N LYS B 421 -2.40 -42.89 -3.55
CA LYS B 421 -3.08 -44.18 -3.63
C LYS B 421 -2.21 -45.23 -4.32
CHA HEM C . 5.17 10.14 8.82
CHB HEM C . 9.90 9.57 7.92
CHC HEM C . 10.88 11.59 12.22
CHD HEM C . 6.19 11.42 13.41
C1A HEM C . 6.35 9.93 8.13
C2A HEM C . 6.53 9.61 6.73
C3A HEM C . 7.85 9.46 6.50
C4A HEM C . 8.54 9.65 7.76
CMA HEM C . 8.57 9.13 5.18
CAA HEM C . 5.42 9.50 5.64
CBA HEM C . 5.55 10.75 4.79
CGA HEM C . 4.43 10.83 3.77
O1A HEM C . 3.72 9.80 3.57
O2A HEM C . 4.28 11.91 3.17
C1B HEM C . 10.58 10.11 8.99
C2B HEM C . 12.01 10.29 9.09
C3B HEM C . 12.29 10.83 10.27
C4B HEM C . 11.03 11.02 10.97
CMB HEM C . 13.08 9.91 8.03
CAB HEM C . 13.72 11.17 10.73
CBB HEM C . 14.04 11.28 12.03
C1C HEM C . 9.72 11.76 12.93
C2C HEM C . 9.56 12.36 14.24
C3C HEM C . 8.23 12.31 14.54
C4C HEM C . 7.55 11.68 13.46
CMC HEM C . 10.72 12.98 15.08
CAC HEM C . 7.48 12.76 15.81
CBC HEM C . 8.09 12.97 16.98
C1D HEM C . 5.50 11.07 12.25
C2D HEM C . 4.06 10.98 12.12
C3D HEM C . 3.77 10.65 10.86
C4D HEM C . 5.02 10.48 10.15
CMD HEM C . 3.03 11.25 13.24
CAD HEM C . 2.35 10.41 10.29
CBD HEM C . 1.61 11.69 9.92
CGD HEM C . 0.19 11.34 9.52
O1D HEM C . -0.32 10.26 9.89
O2D HEM C . -0.45 12.18 8.84
NA HEM C . 7.59 9.93 8.72
NB HEM C . 10.00 10.55 10.15
NC HEM C . 8.48 11.35 12.50
ND HEM C . 6.06 10.74 11.03
FE HEM C . 8.02 10.35 10.73
C02 OSD D . 9.86 13.44 8.03
C03 OSD D . 10.01 13.82 9.38
C04 OSD D . 8.87 14.11 10.13
C05 OSD D . 7.62 14.00 9.55
C06 OSD D . 6.45 14.28 10.26
C07 OSD D . 5.20 14.16 9.64
C08 OSD D . 5.10 13.76 8.32
C09 OSD D . 6.26 13.51 7.60
C10 OSD D . 7.51 13.62 8.22
C11 OSD D . 9.00 14.55 11.58
C21 OSD D . 3.79 13.71 7.61
C22 OSD D . 3.67 13.15 6.35
C23 OSD D . 2.46 13.18 5.69
C24 OSD D . 1.35 13.83 6.25
C25 OSD D . 1.47 14.42 7.49
C26 OSD D . 2.69 14.39 8.15
C27 OSD D . 0.26 15.10 8.09
C30 OSD D . 0.03 14.22 4.21
C31 OSD D . 0.96 15.37 3.83
C32 OSD D . -1.39 14.65 3.89
N01 OSD D . 8.62 13.36 7.52
N02 OSD D . 10.91 13.14 7.22
N28 OSD D . 0.56 16.52 8.38
O29 OSD D . 0.14 13.88 5.62
C02 OSD E . 1.33 -6.78 -2.20
C03 OSD E . 1.34 -6.45 -0.85
C04 OSD E . 1.86 -7.35 0.07
C05 OSD E . 2.35 -8.57 -0.39
C06 OSD E . 2.87 -9.50 0.50
C07 OSD E . 3.37 -10.72 0.02
C08 OSD E . 3.35 -11.00 -1.36
C09 OSD E . 2.80 -10.08 -2.23
C10 OSD E . 2.32 -8.86 -1.76
C11 OSD E . 1.87 -7.01 1.54
C21 OSD E . 3.83 -12.33 -1.87
C22 OSD E . 3.78 -13.42 -1.03
C23 OSD E . 4.19 -14.68 -1.46
C24 OSD E . 4.63 -14.87 -2.77
C25 OSD E . 4.68 -13.76 -3.62
C26 OSD E . 4.27 -12.50 -3.18
C27 OSD E . 5.16 -13.93 -5.04
C30 OSD E . 4.35 -17.36 -3.01
C31 OSD E . 2.82 -17.23 -3.09
C32 OSD E . 4.78 -18.04 -1.70
N01 OSD E . 1.81 -7.98 -2.63
N02 OSD E . 0.83 -5.93 -3.12
N28 OSD E . 6.57 -14.32 -5.03
O29 OSD E . 5.05 -16.11 -3.21
C02 OSD F . -0.44 7.09 1.14
C03 OSD F . -1.57 6.37 0.80
C04 OSD F . -2.76 7.02 0.48
C05 OSD F . -2.78 8.39 0.50
C06 OSD F . -3.97 9.03 0.17
C07 OSD F . -4.01 10.43 0.17
C08 OSD F . -2.86 11.14 0.52
C09 OSD F . -1.68 10.50 0.86
C10 OSD F . -1.63 9.11 0.84
C11 OSD F . -4.01 6.26 0.12
C21 OSD F . -2.89 12.62 0.56
C22 OSD F . -4.02 13.26 1.06
C23 OSD F . -4.06 14.64 1.13
C24 OSD F . -2.97 15.40 0.71
C25 OSD F . -1.85 14.76 0.22
C26 OSD F . -1.80 13.37 0.15
C27 OSD F . -0.65 15.57 -0.25
C30 OSD F . -3.90 17.67 1.41
C31 OSD F . -4.00 17.40 2.91
C32 OSD F . -5.27 17.71 0.72
N01 OSD F . -0.48 8.47 1.15
N02 OSD F . 0.68 6.43 1.46
N28 OSD F . -0.93 16.01 -1.62
O29 OSD F . -2.96 16.79 0.75
ZN ZN G . -8.49 -2.90 7.89
CHA HEM H . -4.91 -10.04 -9.24
CHB HEM H . -4.15 -7.75 -13.47
CHC HEM H . -7.62 -10.48 -15.50
CHD HEM H . -8.59 -12.54 -11.26
C1A HEM H . -4.32 -9.26 -10.22
C2A HEM H . -3.05 -8.54 -10.15
C3A HEM H . -2.87 -7.91 -11.32
C4A HEM H . -3.99 -8.22 -12.18
CMA HEM H . -1.71 -7.03 -11.80
CAA HEM H . -2.10 -8.50 -8.93
CBA HEM H . -0.87 -9.29 -9.34
CGA HEM H . 0.18 -9.35 -8.27
O1A HEM H . -0.06 -8.89 -7.12
O2A HEM H . 1.27 -9.87 -8.60
C1B HEM H . -5.02 -8.29 -14.40
C2B HEM H . -5.10 -7.97 -15.81
C3B HEM H . -6.05 -8.71 -16.35
C4B HEM H . -6.61 -9.55 -15.32
CMB HEM H . -4.24 -6.93 -16.57
CAB HEM H . -6.45 -8.65 -17.87
CBB HEM H . -7.56 -9.21 -18.36
C1C HEM H . -8.16 -11.31 -14.55
C2C HEM H . -9.13 -12.37 -14.78
C3C HEM H . -9.39 -12.94 -13.59
C4C HEM H . -8.60 -12.25 -12.58
CMC HEM H . -9.70 -12.70 -16.17
CAC HEM H . -10.36 -14.06 -13.19
CBC HEM H . -11.48 -14.34 -13.87
C1D HEM H . -7.69 -12.03 -10.33
C2D HEM H . -7.65 -12.39 -8.93
C3D HEM H . -6.63 -11.72 -8.37
C4D HEM H . -5.99 -10.91 -9.40
CMD HEM H . -8.60 -13.39 -8.23
CAD HEM H . -6.22 -11.77 -6.88
CBD HEM H . -5.70 -13.14 -6.46
CGD HEM H . -5.41 -13.05 -4.98
O1D HEM H . -6.35 -12.73 -4.21
O2D HEM H . -4.25 -13.31 -4.62
NA HEM H . -4.85 -9.02 -11.47
NB HEM H . -5.96 -9.27 -14.12
NC HEM H . -7.87 -11.29 -13.21
ND HEM H . -6.67 -11.12 -10.58
FE HEM H . -6.54 -9.96 -12.26
C02 OSD I . -3.02 -11.19 -14.66
C03 OSD I . -4.14 -11.91 -15.04
C04 OSD I . -4.75 -12.79 -14.14
C05 OSD I . -4.18 -12.93 -12.88
C06 OSD I . -4.75 -13.78 -11.96
C07 OSD I . -4.22 -13.92 -10.69
C08 OSD I . -3.11 -13.17 -10.33
C09 OSD I . -2.51 -12.32 -11.26
C10 OSD I . -3.06 -12.18 -12.53
C11 OSD I . -5.95 -13.62 -14.50
C21 OSD I . -2.49 -13.39 -8.99
C22 OSD I . -1.41 -12.64 -8.53
C23 OSD I . -0.85 -12.93 -7.28
C24 OSD I . -1.34 -14.01 -6.53
C25 OSD I . -2.39 -14.77 -7.01
C26 OSD I . -2.94 -14.46 -8.25
C27 OSD I . -2.93 -15.93 -6.21
C30 OSD I . 0.50 -13.91 -4.93
C31 OSD I . 1.58 -14.66 -5.72
C32 OSD I . 0.66 -14.15 -3.45
N01 OSD I . -2.51 -11.35 -13.42
N02 OSD I . -2.41 -10.32 -15.51
N28 OSD I . -1.85 -16.59 -5.50
O29 OSD I . -0.82 -14.34 -5.32
#